data_9ISL
#
_entry.id   9ISL
#
_cell.length_a   65.020
_cell.length_b   200.679
_cell.length_c   240.140
_cell.angle_alpha   90.00
_cell.angle_beta   90.00
_cell.angle_gamma   90.00
#
_symmetry.space_group_name_H-M   'C 2 2 21'
#
loop_
_entity.id
_entity.type
_entity.pdbx_description
1 polymer 'C-1-tetrahydrofolate synthase, cytoplasmic'
2 non-polymer '(2~{S})-2-[[4-[[2,4-bis(azanyl)-6-oxidanylidene-1~{H}-pyrimidin-5-yl]carbamoylamino]-3-chloranyl-phenyl]carbonylamino]pentanedioic acid'
3 non-polymer 'NADP NICOTINAMIDE-ADENINE-DINUCLEOTIDE PHOSPHATE'
4 water water
#
_entity_poly.entity_id   1
_entity_poly.type   'polypeptide(L)'
_entity_poly.pdbx_seq_one_letter_code
;MAPAEILNGKEISAQIRARLKNQVTQLKEQVPGFTPRLAILQVGNRDDSNLYINVKLKAAEEIGIKATHIKLPRTTTESE
VMKYITSLNEDSTVHGFLVQLPLDSENSINTEEVINAIAPEKDVDGLTSINAGRLARGDLNDCFIPCTPKGCLELIKETG
VPIAGRHAVVVGRSKIVGAPMHDLLLWNNATVTTCHSKTAHLDEEVNKGDILVVATGQPEMVKGEWIKPGAIVIDCGINY
VPDDKKPNGRKVVGDVAYDEAKERASFITPVPGGVGPMTVAMLMQSTVESAKRFLEKFKPGLEHHHHHH
;
_entity_poly.pdbx_strand_id   A,B,C,D
#
loop_
_chem_comp.id
_chem_comp.type
_chem_comp.name
_chem_comp.formula
A1L23 non-polymer '(2~{S})-2-[[4-[[2,4-bis(azanyl)-6-oxidanylidene-1~{H}-pyrimidin-5-yl]carbamoylamino]-3-chloranyl-phenyl]carbonylamino]pentanedioic acid' 'C17 H18 Cl N7 O7'
NAP non-polymer 'NADP NICOTINAMIDE-ADENINE-DINUCLEOTIDE PHOSPHATE' 'C21 H28 N7 O17 P3'
#
# COMPACT_ATOMS: atom_id res chain seq x y z
N PRO A 3 18.79 24.66 -12.00
CA PRO A 3 18.58 25.04 -10.58
C PRO A 3 17.11 25.06 -10.17
N ALA A 4 16.87 25.13 -8.86
CA ALA A 4 15.53 25.03 -8.30
C ALA A 4 14.67 26.25 -8.62
N GLU A 5 13.37 26.03 -8.82
CA GLU A 5 12.40 27.11 -8.67
C GLU A 5 12.38 27.62 -7.23
N ILE A 6 12.39 28.94 -7.08
CA ILE A 6 12.33 29.58 -5.77
C ILE A 6 10.88 29.60 -5.30
N LEU A 7 10.64 29.21 -4.04
CA LEU A 7 9.31 29.35 -3.46
C LEU A 7 9.26 30.71 -2.78
N ASN A 8 8.59 31.68 -3.41
CA ASN A 8 8.65 33.06 -2.95
C ASN A 8 7.62 33.30 -1.84
N GLY A 9 8.07 33.20 -0.59
CA GLY A 9 7.16 33.39 0.52
C GLY A 9 6.59 34.79 0.61
N LYS A 10 7.37 35.80 0.21
CA LYS A 10 6.87 37.18 0.24
C LYS A 10 5.65 37.33 -0.66
N GLU A 11 5.72 36.77 -1.87
CA GLU A 11 4.61 36.91 -2.81
C GLU A 11 3.43 36.04 -2.41
N ILE A 12 3.69 34.80 -1.96
CA ILE A 12 2.58 33.91 -1.63
C ILE A 12 1.83 34.42 -0.41
N SER A 13 2.55 34.89 0.62
CA SER A 13 1.89 35.42 1.81
C SER A 13 1.02 36.63 1.49
N ALA A 14 1.45 37.46 0.51
CA ALA A 14 0.66 38.61 0.09
C ALA A 14 -0.69 38.20 -0.48
N GLN A 15 -0.73 37.15 -1.31
CA GLN A 15 -2.00 36.64 -1.79
C GLN A 15 -2.89 36.20 -0.64
N ILE A 16 -2.30 35.52 0.35
CA ILE A 16 -3.10 35.05 1.47
C ILE A 16 -3.64 36.23 2.28
N ARG A 17 -2.82 37.23 2.56
CA ARG A 17 -3.31 38.38 3.36
C ARG A 17 -4.41 39.15 2.62
N ALA A 18 -4.27 39.34 1.30
CA ALA A 18 -5.33 40.01 0.56
C ALA A 18 -6.63 39.23 0.62
N ARG A 19 -6.57 37.89 0.47
CA ARG A 19 -7.76 37.08 0.60
C ARG A 19 -8.37 37.22 1.99
N LEU A 20 -7.55 37.23 3.03
CA LEU A 20 -8.07 37.38 4.37
C LEU A 20 -8.68 38.77 4.56
N LYS A 21 -7.98 39.79 4.08
CA LYS A 21 -8.50 41.16 4.14
C LYS A 21 -9.89 41.24 3.55
N ASN A 22 -10.08 40.74 2.32
CA ASN A 22 -11.38 40.78 1.69
C ASN A 22 -12.39 39.95 2.45
N GLN A 23 -11.95 38.82 2.99
CA GLN A 23 -12.81 37.98 3.82
C GLN A 23 -13.31 38.74 5.04
N VAL A 24 -12.41 39.45 5.73
CA VAL A 24 -12.77 40.23 6.92
C VAL A 24 -13.69 41.39 6.54
N THR A 25 -13.39 42.07 5.44
CA THR A 25 -14.27 43.13 4.94
C THR A 25 -15.68 42.62 4.73
N GLN A 26 -15.81 41.43 4.12
CA GLN A 26 -17.12 40.87 3.85
C GLN A 26 -17.85 40.51 5.13
N LEU A 27 -17.13 39.99 6.13
CA LEU A 27 -17.72 39.72 7.43
C LEU A 27 -18.27 41.00 8.05
N LYS A 28 -17.51 42.09 7.99
CA LYS A 28 -17.97 43.36 8.55
C LYS A 28 -19.22 43.87 7.84
N GLU A 29 -19.30 43.69 6.51
CA GLU A 29 -20.51 44.06 5.79
C GLU A 29 -21.70 43.22 6.25
N GLN A 30 -21.51 41.91 6.41
CA GLN A 30 -22.62 41.03 6.77
C GLN A 30 -23.03 41.19 8.24
N VAL A 31 -22.07 41.45 9.13
CA VAL A 31 -22.32 41.64 10.56
C VAL A 31 -21.69 42.96 10.99
N PRO A 32 -22.41 44.08 10.88
CA PRO A 32 -21.79 45.38 11.15
C PRO A 32 -21.26 45.47 12.58
N GLY A 33 -20.13 46.16 12.73
CA GLY A 33 -19.53 46.34 14.03
C GLY A 33 -18.66 45.20 14.52
N PHE A 34 -18.63 44.07 13.82
CA PHE A 34 -17.82 42.92 14.22
C PHE A 34 -16.42 43.02 13.64
N THR A 35 -15.42 42.59 14.41
CA THR A 35 -14.04 42.62 13.95
C THR A 35 -13.22 41.53 14.65
N PRO A 36 -12.43 40.76 13.89
CA PRO A 36 -11.55 39.78 14.52
C PRO A 36 -10.55 40.45 15.44
N ARG A 37 -10.35 39.86 16.62
CA ARG A 37 -9.45 40.45 17.61
C ARG A 37 -8.43 39.44 18.07
N LEU A 38 -7.16 39.82 17.97
CA LEU A 38 -6.01 39.07 18.42
C LEU A 38 -5.33 39.77 19.60
N ALA A 39 -4.80 38.99 20.53
CA ALA A 39 -3.95 39.51 21.59
C ALA A 39 -2.63 38.75 21.59
N ILE A 40 -1.53 39.47 21.72
CA ILE A 40 -0.20 38.87 21.82
C ILE A 40 0.39 39.22 23.18
N LEU A 41 0.71 38.20 23.97
CA LEU A 41 1.34 38.38 25.27
C LEU A 41 2.82 38.05 25.18
N GLN A 42 3.65 38.91 25.76
CA GLN A 42 5.10 38.75 25.79
C GLN A 42 5.58 38.90 27.22
N VAL A 43 6.67 38.18 27.53
CA VAL A 43 7.34 38.23 28.83
C VAL A 43 8.78 38.62 28.59
N GLY A 44 9.21 39.71 29.19
CA GLY A 44 10.55 40.20 28.95
C GLY A 44 10.60 41.09 27.73
N ASN A 45 11.82 41.27 27.24
CA ASN A 45 12.13 42.25 26.20
C ASN A 45 13.21 41.74 25.25
N ARG A 46 13.10 40.49 24.80
CA ARG A 46 14.01 40.00 23.77
C ARG A 46 13.83 40.77 22.47
N ASP A 47 14.95 41.11 21.83
CA ASP A 47 14.92 41.87 20.59
C ASP A 47 14.24 41.11 19.46
N ASP A 48 14.55 39.82 19.30
CA ASP A 48 13.94 39.08 18.20
C ASP A 48 12.43 38.94 18.41
N SER A 49 12.01 38.63 19.64
CA SER A 49 10.59 38.64 19.95
C SER A 49 9.95 39.99 19.61
N ASN A 50 10.64 41.10 19.92
CA ASN A 50 10.09 42.43 19.59
C ASN A 50 9.89 42.55 18.09
N LEU A 51 10.90 42.16 17.33
CA LEU A 51 10.80 42.25 15.88
C LEU A 51 9.64 41.39 15.35
N TYR A 52 9.57 40.12 15.75
CA TYR A 52 8.55 39.23 15.19
C TYR A 52 7.15 39.66 15.60
N ILE A 53 6.98 40.18 16.82
CA ILE A 53 5.66 40.65 17.24
C ILE A 53 5.23 41.87 16.42
N ASN A 54 6.15 42.80 16.20
CA ASN A 54 5.86 43.96 15.37
C ASN A 54 5.41 43.54 13.98
N VAL A 55 6.13 42.60 13.37
CA VAL A 55 5.73 42.06 12.08
C VAL A 55 4.31 41.48 12.12
N LYS A 56 3.96 40.80 13.22
CA LYS A 56 2.60 40.28 13.32
C LYS A 56 1.56 41.39 13.46
N LEU A 57 1.86 42.43 14.25
CA LEU A 57 0.92 43.55 14.38
C LEU A 57 0.70 44.24 13.04
N LYS A 58 1.76 44.44 12.26
CA LYS A 58 1.59 45.07 10.96
C LYS A 58 0.69 44.26 10.04
N ALA A 59 0.80 42.92 10.07
CA ALA A 59 -0.05 42.11 9.20
C ALA A 59 -1.50 42.14 9.66
N ALA A 60 -1.72 42.06 10.99
CA ALA A 60 -3.08 42.18 11.51
C ALA A 60 -3.72 43.48 11.05
N GLU A 61 -2.95 44.57 11.07
CA GLU A 61 -3.46 45.88 10.72
C GLU A 61 -3.82 45.96 9.24
N GLU A 62 -2.93 45.47 8.36
CA GLU A 62 -3.27 45.38 6.94
C GLU A 62 -4.58 44.64 6.72
N ILE A 63 -4.79 43.54 7.42
CA ILE A 63 -5.95 42.70 7.15
C ILE A 63 -7.23 43.26 7.79
N GLY A 64 -7.11 44.14 8.78
CA GLY A 64 -8.27 44.56 9.54
C GLY A 64 -8.57 43.71 10.75
N ILE A 65 -7.58 42.99 11.27
CA ILE A 65 -7.69 42.31 12.56
C ILE A 65 -7.22 43.29 13.63
N LYS A 66 -7.99 43.43 14.70
CA LYS A 66 -7.55 44.30 15.80
C LYS A 66 -6.61 43.51 16.70
N ALA A 67 -5.33 43.89 16.73
CA ALA A 67 -4.32 43.17 17.51
C ALA A 67 -3.84 44.03 18.67
N THR A 68 -3.92 43.51 19.89
CA THR A 68 -3.36 44.17 21.05
C THR A 68 -2.14 43.40 21.56
N HIS A 69 -1.06 44.12 21.82
CA HIS A 69 0.18 43.57 22.35
C HIS A 69 0.36 43.97 23.82
N ILE A 70 0.56 42.99 24.70
CA ILE A 70 0.76 43.19 26.14
C ILE A 70 2.15 42.66 26.48
N LYS A 71 3.04 43.54 26.93
CA LYS A 71 4.42 43.18 27.26
C LYS A 71 4.66 43.33 28.75
N LEU A 72 4.94 42.23 29.41
CA LEU A 72 5.23 42.16 30.82
C LEU A 72 6.75 42.17 31.03
N PRO A 73 7.24 42.69 32.16
CA PRO A 73 8.70 42.83 32.36
C PRO A 73 9.37 41.49 32.67
N ARG A 74 10.71 41.51 32.59
CA ARG A 74 11.50 40.31 32.87
C ARG A 74 11.21 39.72 34.25
N THR A 75 10.83 40.55 35.22
CA THR A 75 10.70 40.08 36.59
C THR A 75 9.29 39.64 36.93
N THR A 76 8.40 39.46 35.95
CA THR A 76 7.08 38.99 36.31
C THR A 76 7.14 37.56 36.84
N THR A 77 6.10 37.21 37.58
CA THR A 77 5.95 35.89 38.17
C THR A 77 4.99 35.06 37.35
N GLU A 78 5.17 33.73 37.40
CA GLU A 78 4.23 32.84 36.75
C GLU A 78 2.81 33.16 37.18
N SER A 79 2.61 33.48 38.47
CA SER A 79 1.30 33.87 38.94
C SER A 79 0.78 35.11 38.21
N GLU A 80 1.67 36.03 37.85
CA GLU A 80 1.28 37.24 37.12
C GLU A 80 0.82 36.91 35.70
N VAL A 81 1.59 36.07 35.00
CA VAL A 81 1.23 35.67 33.65
C VAL A 81 -0.10 34.92 33.65
N MET A 82 -0.28 34.02 34.62
CA MET A 82 -1.52 33.25 34.69
C MET A 82 -2.73 34.15 34.80
N LYS A 83 -2.60 35.24 35.56
CA LYS A 83 -3.70 36.19 35.67
C LYS A 83 -4.06 36.76 34.31
N TYR A 84 -3.06 37.19 33.52
CA TYR A 84 -3.31 37.72 32.19
C TYR A 84 -3.92 36.67 31.26
N ILE A 85 -3.43 35.43 31.30
CA ILE A 85 -4.02 34.40 30.45
C ILE A 85 -5.48 34.19 30.78
N THR A 86 -5.81 34.14 32.09
CA THR A 86 -7.21 34.01 32.52
C THR A 86 -8.08 35.15 31.97
N SER A 87 -7.60 36.40 32.10
CA SER A 87 -8.37 37.53 31.59
C SER A 87 -8.62 37.43 30.10
N LEU A 88 -7.58 37.07 29.32
CA LEU A 88 -7.77 36.91 27.88
C LEU A 88 -8.76 35.80 27.56
N ASN A 89 -8.66 34.68 28.28
CA ASN A 89 -9.62 33.58 28.11
C ASN A 89 -11.04 34.04 28.30
N GLU A 90 -11.26 34.94 29.26
CA GLU A 90 -12.58 35.37 29.69
C GLU A 90 -13.11 36.56 28.89
N ASP A 91 -12.23 37.34 28.28
CA ASP A 91 -12.65 38.46 27.44
C ASP A 91 -13.30 37.93 26.17
N SER A 92 -14.60 38.16 26.02
CA SER A 92 -15.34 37.58 24.91
C SER A 92 -15.17 38.33 23.60
N THR A 93 -14.48 39.46 23.59
CA THR A 93 -14.15 40.11 22.33
C THR A 93 -12.81 39.71 21.77
N VAL A 94 -12.04 38.91 22.51
CA VAL A 94 -10.75 38.42 22.06
C VAL A 94 -11.00 37.04 21.47
N HIS A 95 -10.71 36.88 20.19
CA HIS A 95 -10.98 35.62 19.50
C HIS A 95 -9.80 34.66 19.54
N GLY A 96 -8.58 35.15 19.48
CA GLY A 96 -7.44 34.27 19.70
C GLY A 96 -6.33 35.02 20.36
N PHE A 97 -5.42 34.28 20.98
CA PHE A 97 -4.25 34.97 21.51
C PHE A 97 -3.11 33.99 21.66
N LEU A 98 -1.91 34.54 21.75
CA LEU A 98 -0.73 33.72 21.86
C LEU A 98 0.27 34.35 22.81
N VAL A 99 1.17 33.52 23.31
CA VAL A 99 2.28 33.93 24.15
C VAL A 99 3.55 33.73 23.34
N GLN A 100 4.21 34.84 23.02
CA GLN A 100 5.42 34.77 22.21
C GLN A 100 6.50 34.03 23.00
N LEU A 101 7.20 33.11 22.33
CA LEU A 101 8.15 32.26 23.04
C LEU A 101 9.55 32.49 22.52
N PRO A 102 10.58 32.23 23.34
CA PRO A 102 10.51 31.77 24.73
C PRO A 102 10.18 32.92 25.67
N LEU A 103 9.60 32.64 26.83
CA LEU A 103 9.53 33.65 27.88
C LEU A 103 10.95 34.04 28.30
N ASP A 104 11.15 35.34 28.49
CA ASP A 104 12.43 35.86 28.94
C ASP A 104 12.18 36.45 30.35
N SER A 105 12.35 35.59 31.36
CA SER A 105 12.02 35.91 32.74
C SER A 105 13.21 35.63 33.65
N GLU A 106 13.39 36.48 34.67
CA GLU A 106 14.40 36.24 35.69
C GLU A 106 14.00 35.08 36.60
N ASN A 107 12.72 34.97 36.92
CA ASN A 107 12.21 33.86 37.71
C ASN A 107 11.92 32.66 36.82
N SER A 108 12.06 31.47 37.38
CA SER A 108 11.66 30.29 36.64
C SER A 108 10.15 30.30 36.49
N ILE A 109 9.69 30.32 35.25
CA ILE A 109 8.27 30.29 34.93
C ILE A 109 8.03 29.03 34.09
N ASN A 110 7.01 28.26 34.46
CA ASN A 110 6.77 26.99 33.78
C ASN A 110 6.04 27.26 32.46
N THR A 111 6.80 27.18 31.37
CA THR A 111 6.24 27.51 30.05
C THR A 111 5.08 26.59 29.68
N GLU A 112 5.16 25.31 30.02
CA GLU A 112 4.09 24.39 29.65
C GLU A 112 2.83 24.68 30.46
N GLU A 113 3.00 25.06 31.73
CA GLU A 113 1.85 25.47 32.53
C GLU A 113 1.20 26.73 31.96
N VAL A 114 2.01 27.68 31.53
CA VAL A 114 1.47 28.92 30.99
C VAL A 114 0.76 28.66 29.67
N ILE A 115 1.42 27.96 28.75
CA ILE A 115 0.82 27.66 27.45
C ILE A 115 -0.47 26.88 27.64
N ASN A 116 -0.48 25.92 28.56
CA ASN A 116 -1.66 25.07 28.68
C ASN A 116 -2.80 25.71 29.45
N ALA A 117 -2.61 26.91 29.98
CA ALA A 117 -3.76 27.64 30.50
C ALA A 117 -4.57 28.31 29.40
N ILE A 118 -4.04 28.37 28.18
CA ILE A 118 -4.75 29.03 27.08
C ILE A 118 -5.95 28.17 26.67
N ALA A 119 -7.11 28.81 26.56
CA ALA A 119 -8.29 28.09 26.07
C ALA A 119 -8.02 27.54 24.67
N PRO A 120 -8.28 26.25 24.44
CA PRO A 120 -7.94 25.69 23.12
C PRO A 120 -8.65 26.38 21.97
N GLU A 121 -9.85 26.97 22.21
CA GLU A 121 -10.58 27.66 21.15
C GLU A 121 -9.96 29.01 20.79
N LYS A 122 -9.07 29.55 21.63
CA LYS A 122 -8.35 30.79 21.33
C LYS A 122 -6.88 30.54 21.02
N ASP A 123 -6.43 29.28 21.05
CA ASP A 123 -5.04 28.91 20.91
C ASP A 123 -4.65 28.91 19.44
N VAL A 124 -4.59 30.11 18.85
CA VAL A 124 -4.24 30.26 17.43
C VAL A 124 -2.81 29.87 17.12
N ASP A 125 -1.92 29.82 18.09
CA ASP A 125 -0.60 29.26 17.84
C ASP A 125 -0.59 27.74 17.88
N GLY A 126 -1.72 27.13 18.25
CA GLY A 126 -1.80 25.68 18.36
C GLY A 126 -0.77 25.07 19.26
N LEU A 127 -0.39 25.75 20.34
CA LEU A 127 0.64 25.20 21.21
C LEU A 127 0.09 24.48 22.43
N THR A 128 -1.23 24.52 22.70
CA THR A 128 -1.73 23.76 23.85
C THR A 128 -1.59 22.25 23.61
N SER A 129 -1.52 21.51 24.71
CA SER A 129 -1.45 20.05 24.63
C SER A 129 -2.65 19.47 23.91
N ILE A 130 -3.82 20.07 24.13
CA ILE A 130 -5.07 19.62 23.51
C ILE A 130 -4.97 19.68 21.99
N ASN A 131 -4.59 20.86 21.47
CA ASN A 131 -4.45 21.02 20.02
C ASN A 131 -3.31 20.18 19.47
N ALA A 132 -2.19 20.07 20.20
CA ALA A 132 -1.10 19.22 19.73
C ALA A 132 -1.54 17.77 19.62
N GLY A 133 -2.32 17.29 20.61
CA GLY A 133 -2.75 15.90 20.60
C GLY A 133 -3.73 15.59 19.49
N ARG A 134 -4.61 16.54 19.17
CA ARG A 134 -5.47 16.40 18.01
C ARG A 134 -4.67 16.31 16.73
N LEU A 135 -3.69 17.22 16.57
CA LEU A 135 -2.85 17.16 15.37
C LEU A 135 -2.06 15.86 15.30
N ALA A 136 -1.42 15.47 16.42
CA ALA A 136 -0.52 14.31 16.41
C ALA A 136 -1.23 13.00 16.12
N ARG A 137 -2.55 12.96 16.25
CA ARG A 137 -3.31 11.74 16.05
C ARG A 137 -4.24 11.86 14.86
N GLY A 138 -4.09 12.90 14.05
CA GLY A 138 -4.77 12.99 12.78
C GLY A 138 -6.15 13.59 12.80
N ASP A 139 -6.59 14.16 13.94
CA ASP A 139 -7.88 14.85 14.05
C ASP A 139 -7.70 16.31 13.66
N LEU A 140 -7.49 16.52 12.35
CA LEU A 140 -6.98 17.80 11.86
C LEU A 140 -8.05 18.89 11.72
N ASN A 141 -9.33 18.58 11.87
CA ASN A 141 -10.36 19.57 11.58
C ASN A 141 -10.90 20.29 12.82
N ASP A 142 -10.49 19.88 14.01
CA ASP A 142 -10.96 20.52 15.23
C ASP A 142 -9.84 21.20 16.00
N CYS A 143 -8.69 21.43 15.35
CA CYS A 143 -7.57 22.01 16.07
C CYS A 143 -6.95 23.14 15.29
N PHE A 144 -6.31 24.05 16.03
CA PHE A 144 -5.37 24.97 15.46
C PHE A 144 -4.04 24.25 15.24
N ILE A 145 -3.47 24.45 14.06
CA ILE A 145 -2.20 23.84 13.70
C ILE A 145 -1.16 24.94 13.88
N PRO A 146 0.02 24.65 14.42
CA PRO A 146 1.00 25.73 14.60
C PRO A 146 1.32 26.41 13.29
N CYS A 147 1.57 27.72 13.37
CA CYS A 147 1.55 28.59 12.19
C CYS A 147 2.72 28.36 11.26
N THR A 148 3.90 28.01 11.79
CA THR A 148 5.01 27.73 10.89
C THR A 148 4.80 26.43 10.11
N PRO A 149 4.44 25.31 10.74
CA PRO A 149 4.10 24.10 9.93
C PRO A 149 3.01 24.38 8.90
N LYS A 150 1.98 25.16 9.25
CA LYS A 150 0.94 25.54 8.28
C LYS A 150 1.55 26.24 7.08
N GLY A 151 2.46 27.20 7.36
CA GLY A 151 3.09 27.93 6.27
C GLY A 151 4.00 27.06 5.42
N CYS A 152 4.74 26.15 6.07
CA CYS A 152 5.55 25.18 5.34
C CYS A 152 4.71 24.29 4.42
N LEU A 153 3.58 23.80 4.93
CA LEU A 153 2.69 22.95 4.14
C LEU A 153 2.18 23.69 2.91
N GLU A 154 1.78 24.96 3.08
CA GLU A 154 1.29 25.73 1.95
C GLU A 154 2.41 25.94 0.93
N LEU A 155 3.64 26.13 1.39
CA LEU A 155 4.76 26.25 0.47
C LEU A 155 5.00 24.96 -0.31
N ILE A 156 4.94 23.82 0.36
CA ILE A 156 5.08 22.54 -0.32
C ILE A 156 3.99 22.36 -1.36
N LYS A 157 2.76 22.74 -1.01
CA LYS A 157 1.65 22.61 -1.95
C LYS A 157 1.77 23.54 -3.15
N GLU A 158 2.52 24.64 -3.05
CA GLU A 158 2.74 25.52 -4.19
C GLU A 158 3.55 24.85 -5.28
N THR A 159 4.30 23.80 -4.96
CA THR A 159 5.00 23.09 -6.02
C THR A 159 4.04 22.36 -6.95
N GLY A 160 2.81 22.11 -6.54
CA GLY A 160 1.90 21.30 -7.32
C GLY A 160 2.20 19.81 -7.32
N VAL A 161 3.19 19.35 -6.57
CA VAL A 161 3.53 17.92 -6.48
C VAL A 161 2.80 17.34 -5.26
N PRO A 162 1.97 16.30 -5.42
CA PRO A 162 1.27 15.73 -4.26
C PRO A 162 2.28 15.23 -3.22
N ILE A 163 1.88 15.37 -1.96
CA ILE A 163 2.73 14.90 -0.86
C ILE A 163 2.63 13.39 -0.67
N ALA A 164 1.48 12.80 -0.93
CA ALA A 164 1.24 11.41 -0.55
C ALA A 164 2.26 10.48 -1.20
N GLY A 165 2.83 9.57 -0.40
CA GLY A 165 3.76 8.60 -0.92
C GLY A 165 5.20 9.07 -0.99
N ARG A 166 5.45 10.37 -0.84
CA ARG A 166 6.82 10.87 -0.86
C ARG A 166 7.44 10.64 0.50
N HIS A 167 8.75 10.43 0.51
CA HIS A 167 9.50 10.37 1.75
C HIS A 167 9.90 11.79 2.18
N ALA A 168 9.43 12.21 3.35
CA ALA A 168 9.72 13.53 3.87
C ALA A 168 10.62 13.40 5.08
N VAL A 169 11.61 14.29 5.18
CA VAL A 169 12.55 14.31 6.29
C VAL A 169 12.38 15.64 7.03
N VAL A 170 12.14 15.55 8.33
CA VAL A 170 12.05 16.72 9.19
C VAL A 170 13.26 16.69 10.11
N VAL A 171 14.07 17.74 10.08
CA VAL A 171 15.25 17.85 10.92
C VAL A 171 14.94 18.87 12.00
N GLY A 172 14.85 18.41 13.24
CA GLY A 172 14.32 19.22 14.31
C GLY A 172 12.99 18.66 14.81
N ARG A 173 12.75 18.81 16.12
CA ARG A 173 11.57 18.23 16.76
C ARG A 173 10.99 19.15 17.83
N SER A 174 11.12 20.46 17.66
CA SER A 174 10.64 21.37 18.67
C SER A 174 9.10 21.38 18.72
N LYS A 175 8.57 21.87 19.83
CA LYS A 175 7.13 21.98 19.98
C LYS A 175 6.52 22.92 18.96
N ILE A 176 7.28 23.95 18.58
CA ILE A 176 6.75 25.03 17.76
C ILE A 176 6.86 24.72 16.26
N VAL A 177 7.91 24.02 15.82
CA VAL A 177 8.07 23.75 14.39
C VAL A 177 8.21 22.26 14.09
N GLY A 178 9.30 21.64 14.57
CA GLY A 178 9.71 20.34 14.07
C GLY A 178 8.67 19.25 14.32
N ALA A 179 8.20 19.14 15.57
CA ALA A 179 7.26 18.07 15.89
C ALA A 179 5.92 18.25 15.20
N PRO A 180 5.25 19.41 15.25
CA PRO A 180 4.02 19.57 14.46
C PRO A 180 4.23 19.43 12.96
N MET A 181 5.40 19.80 12.43
CA MET A 181 5.65 19.58 11.01
C MET A 181 5.58 18.10 10.66
N HIS A 182 6.15 17.25 11.51
CA HIS A 182 6.12 15.82 11.25
C HIS A 182 4.67 15.33 11.16
N ASP A 183 3.84 15.77 12.11
CA ASP A 183 2.43 15.38 12.14
C ASP A 183 1.69 15.84 10.89
N LEU A 184 1.91 17.10 10.48
CA LEU A 184 1.22 17.63 9.30
C LEU A 184 1.57 16.82 8.06
N LEU A 185 2.85 16.50 7.88
CA LEU A 185 3.27 15.72 6.72
C LEU A 185 2.73 14.29 6.81
N LEU A 186 2.74 13.71 8.00
CA LEU A 186 2.19 12.37 8.18
C LEU A 186 0.73 12.30 7.75
N TRP A 187 -0.09 13.24 8.21
CA TRP A 187 -1.50 13.17 7.85
C TRP A 187 -1.78 13.73 6.45
N ASN A 188 -0.75 14.22 5.77
CA ASN A 188 -0.84 14.39 4.33
C ASN A 188 -0.29 13.18 3.59
N ASN A 189 -0.01 12.08 4.31
CA ASN A 189 0.32 10.75 3.79
C ASN A 189 1.72 10.64 3.23
N ALA A 190 2.65 11.47 3.68
CA ALA A 190 4.07 11.20 3.45
C ALA A 190 4.57 10.13 4.41
N THR A 191 5.60 9.44 3.97
CA THR A 191 6.42 8.62 4.84
C THR A 191 7.42 9.56 5.50
N VAL A 192 7.42 9.66 6.82
CA VAL A 192 8.15 10.76 7.48
C VAL A 192 9.26 10.23 8.38
N THR A 193 10.46 10.78 8.22
CA THR A 193 11.58 10.58 9.13
C THR A 193 11.84 11.86 9.92
N THR A 194 11.93 11.74 11.25
CA THR A 194 12.25 12.87 12.11
C THR A 194 13.64 12.69 12.70
N CYS A 195 14.47 13.71 12.52
CA CYS A 195 15.87 13.78 12.95
C CYS A 195 16.03 14.82 14.05
N HIS A 196 17.09 14.70 14.85
CA HIS A 196 17.34 15.60 15.97
C HIS A 196 18.84 15.58 16.30
N SER A 197 19.22 16.18 17.43
CA SER A 197 20.65 16.29 17.77
C SER A 197 21.29 14.94 18.09
N LYS A 198 20.51 13.92 18.43
CA LYS A 198 21.06 12.58 18.63
C LYS A 198 21.06 11.73 17.37
N THR A 199 20.62 12.28 16.24
CA THR A 199 20.65 11.52 15.00
C THR A 199 22.09 11.37 14.52
N ALA A 200 22.47 10.14 14.22
CA ALA A 200 23.74 9.86 13.58
C ALA A 200 23.53 9.76 12.08
N HIS A 201 24.60 10.03 11.32
CA HIS A 201 24.51 9.98 9.85
C HIS A 201 23.40 10.88 9.34
N LEU A 202 23.34 12.10 9.88
CA LEU A 202 22.30 13.04 9.46
C LEU A 202 22.32 13.23 7.94
N ASP A 203 23.51 13.21 7.35
CA ASP A 203 23.63 13.45 5.92
C ASP A 203 22.92 12.37 5.12
N GLU A 204 22.99 11.11 5.57
CA GLU A 204 22.28 10.04 4.88
C GLU A 204 20.77 10.11 5.11
N GLU A 205 20.34 10.57 6.29
CA GLU A 205 18.91 10.76 6.51
C GLU A 205 18.36 11.87 5.61
N VAL A 206 19.04 13.02 5.57
CA VAL A 206 18.59 14.13 4.72
C VAL A 206 18.47 13.68 3.28
N ASN A 207 19.40 12.85 2.82
CA ASN A 207 19.41 12.39 1.44
C ASN A 207 18.19 11.53 1.06
N LYS A 208 17.45 11.03 2.04
CA LYS A 208 16.22 10.28 1.77
C LYS A 208 15.03 11.16 1.44
N GLY A 209 15.13 12.47 1.64
CA GLY A 209 13.93 13.29 1.59
C GLY A 209 13.58 13.84 0.22
N ASP A 210 12.50 13.34 -0.38
CA ASP A 210 11.84 14.06 -1.47
C ASP A 210 11.34 15.41 -0.99
N ILE A 211 10.96 15.49 0.29
CA ILE A 211 10.55 16.71 0.96
C ILE A 211 11.46 16.84 2.17
N LEU A 212 12.06 18.03 2.35
CA LEU A 212 12.97 18.26 3.44
C LEU A 212 12.57 19.57 4.13
N VAL A 213 12.30 19.51 5.43
CA VAL A 213 11.99 20.66 6.24
C VAL A 213 13.06 20.74 7.32
N VAL A 214 13.73 21.88 7.42
CA VAL A 214 14.87 21.96 8.33
C VAL A 214 14.56 23.05 9.33
N ALA A 215 14.48 22.66 10.63
CA ALA A 215 14.22 23.62 11.71
C ALA A 215 15.15 23.33 12.89
N THR A 216 16.38 23.78 12.81
CA THR A 216 17.39 23.47 13.81
C THR A 216 17.93 24.69 14.54
N GLY A 217 17.91 25.86 13.92
CA GLY A 217 18.63 26.98 14.50
C GLY A 217 20.13 26.91 14.37
N GLN A 218 20.67 25.98 13.57
CA GLN A 218 22.11 25.86 13.33
C GLN A 218 22.41 26.39 11.94
N PRO A 219 23.05 27.56 11.80
CA PRO A 219 23.08 28.24 10.49
C PRO A 219 23.84 27.42 9.46
N GLU A 220 23.16 27.18 8.32
CA GLU A 220 23.70 26.48 7.14
C GLU A 220 24.36 25.14 7.48
N MET A 221 23.87 24.47 8.52
CA MET A 221 24.46 23.21 8.94
C MET A 221 24.06 22.07 8.00
N VAL A 222 22.87 22.13 7.43
CA VAL A 222 22.45 21.11 6.47
C VAL A 222 23.07 21.46 5.12
N LYS A 223 24.03 20.66 4.69
CA LYS A 223 24.76 20.92 3.46
C LYS A 223 23.95 20.57 2.22
N GLY A 224 24.16 21.37 1.16
CA GLY A 224 23.51 21.12 -0.12
C GLY A 224 23.89 19.80 -0.75
N GLU A 225 25.13 19.35 -0.53
CA GLU A 225 25.56 18.06 -1.07
C GLU A 225 24.76 16.90 -0.51
N TRP A 226 24.12 17.06 0.65
CA TRP A 226 23.30 15.99 1.22
C TRP A 226 21.96 15.84 0.52
N ILE A 227 21.47 16.91 -0.11
CA ILE A 227 20.10 16.98 -0.60
C ILE A 227 19.87 15.97 -1.72
N LYS A 228 18.74 15.28 -1.66
CA LYS A 228 18.35 14.41 -2.76
C LYS A 228 18.10 15.25 -4.00
N PRO A 229 18.69 14.91 -5.15
CA PRO A 229 18.40 15.66 -6.39
C PRO A 229 16.90 15.64 -6.66
N GLY A 230 16.34 16.84 -6.87
CA GLY A 230 14.93 17.03 -7.10
C GLY A 230 14.09 17.28 -5.86
N ALA A 231 14.71 17.38 -4.68
CA ALA A 231 13.99 17.56 -3.43
C ALA A 231 13.31 18.93 -3.36
N ILE A 232 12.22 18.98 -2.59
CA ILE A 232 11.58 20.23 -2.18
C ILE A 232 12.15 20.58 -0.82
N VAL A 233 12.82 21.73 -0.72
CA VAL A 233 13.61 22.10 0.45
C VAL A 233 12.97 23.30 1.13
N ILE A 234 12.57 23.12 2.40
CA ILE A 234 11.89 24.16 3.20
C ILE A 234 12.80 24.50 4.37
N ASP A 235 13.30 25.72 4.40
CA ASP A 235 14.28 26.15 5.39
C ASP A 235 13.59 27.11 6.37
N CYS A 236 13.31 26.61 7.57
CA CYS A 236 12.68 27.43 8.60
C CYS A 236 13.68 28.33 9.34
N GLY A 237 14.98 28.15 9.11
CA GLY A 237 15.95 28.87 9.89
C GLY A 237 15.91 30.37 9.65
N ILE A 238 16.12 31.13 10.71
CA ILE A 238 16.39 32.57 10.64
C ILE A 238 17.59 32.78 11.56
N ASN A 239 18.80 32.75 11.00
CA ASN A 239 20.02 32.88 11.79
C ASN A 239 20.74 34.17 11.44
N TYR A 240 21.10 34.94 12.47
CA TYR A 240 21.89 36.15 12.29
C TYR A 240 23.36 35.81 12.49
N VAL A 241 24.18 36.04 11.46
CA VAL A 241 25.61 35.73 11.40
C VAL A 241 26.36 36.94 10.84
N PRO A 242 27.71 37.00 10.87
CA PRO A 242 28.52 38.10 10.30
C PRO A 242 28.05 38.70 8.96
N LYS A 251 24.13 39.62 8.64
CA LYS A 251 23.34 39.03 7.56
C LYS A 251 22.44 37.92 8.09
N VAL A 252 21.37 37.61 7.35
CA VAL A 252 20.43 36.55 7.72
C VAL A 252 20.70 35.35 6.82
N VAL A 253 20.87 34.16 7.43
CA VAL A 253 20.95 32.91 6.68
C VAL A 253 20.03 31.86 7.31
N GLY A 254 19.70 30.84 6.52
CA GLY A 254 18.87 29.74 6.97
C GLY A 254 19.66 28.64 7.62
N ASP A 255 18.98 27.53 7.86
CA ASP A 255 19.59 26.33 8.40
C ASP A 255 20.17 25.44 7.32
N VAL A 256 19.93 25.78 6.05
CA VAL A 256 20.41 25.04 4.89
C VAL A 256 21.45 25.89 4.17
N ALA A 257 22.49 25.24 3.64
CA ALA A 257 23.47 25.90 2.77
C ALA A 257 22.84 26.17 1.41
N TYR A 258 22.32 27.39 1.25
CA TYR A 258 21.40 27.71 0.16
C TYR A 258 22.02 27.52 -1.22
N ASP A 259 23.27 27.94 -1.42
CA ASP A 259 23.85 27.92 -2.76
C ASP A 259 23.95 26.51 -3.33
N GLU A 260 24.55 25.59 -2.56
CA GLU A 260 24.66 24.21 -3.03
C GLU A 260 23.29 23.51 -3.05
N ALA A 261 22.43 23.82 -2.08
CA ALA A 261 21.11 23.19 -2.05
C ALA A 261 20.30 23.59 -3.28
N LYS A 262 20.34 24.87 -3.65
CA LYS A 262 19.56 25.36 -4.77
C LYS A 262 19.96 24.67 -6.08
N GLU A 263 21.22 24.24 -6.19
CA GLU A 263 21.65 23.54 -7.39
C GLU A 263 20.97 22.18 -7.55
N ARG A 264 20.60 21.53 -6.45
CA ARG A 264 20.12 20.16 -6.49
C ARG A 264 18.61 20.03 -6.32
N ALA A 265 18.01 20.95 -5.57
CA ALA A 265 16.59 20.93 -5.30
C ALA A 265 15.77 21.21 -6.56
N SER A 266 14.56 20.65 -6.60
CA SER A 266 13.59 21.13 -7.59
C SER A 266 12.95 22.45 -7.15
N PHE A 267 12.73 22.63 -5.84
CA PHE A 267 12.11 23.84 -5.29
C PHE A 267 12.77 24.17 -3.96
N ILE A 268 12.92 25.46 -3.68
CA ILE A 268 13.58 25.83 -2.43
C ILE A 268 13.07 27.19 -1.98
N THR A 269 12.95 27.34 -0.63
CA THR A 269 12.58 28.57 0.06
C THR A 269 13.83 29.41 0.29
N PRO A 270 13.83 30.66 -0.14
CA PRO A 270 14.91 31.57 0.24
C PRO A 270 14.78 32.00 1.69
N VAL A 271 15.92 32.42 2.26
CA VAL A 271 15.95 33.04 3.57
C VAL A 271 16.68 34.39 3.44
N PRO A 272 16.02 35.50 3.82
CA PRO A 272 14.63 35.59 4.29
C PRO A 272 13.67 35.59 3.12
N GLY A 273 12.39 35.94 3.33
CA GLY A 273 11.42 35.90 2.25
C GLY A 273 10.83 34.55 1.93
N GLY A 274 11.06 33.54 2.76
CA GLY A 274 10.51 32.21 2.52
C GLY A 274 9.46 31.83 3.54
N VAL A 275 9.87 31.07 4.56
CA VAL A 275 8.95 30.58 5.58
C VAL A 275 8.45 31.73 6.48
N GLY A 276 9.34 32.68 6.81
CA GLY A 276 9.03 33.78 7.69
C GLY A 276 7.71 34.48 7.43
N PRO A 277 7.52 35.04 6.23
CA PRO A 277 6.24 35.68 5.93
C PRO A 277 5.06 34.73 5.94
N MET A 278 5.28 33.44 5.62
CA MET A 278 4.17 32.49 5.60
C MET A 278 3.67 32.18 7.01
N THR A 279 4.60 32.09 7.97
CA THR A 279 4.26 31.95 9.38
C THR A 279 3.29 33.02 9.85
N VAL A 280 3.60 34.28 9.55
CA VAL A 280 2.76 35.39 9.97
C VAL A 280 1.39 35.30 9.30
N ALA A 281 1.37 35.02 7.99
CA ALA A 281 0.10 34.98 7.27
C ALA A 281 -0.80 33.86 7.81
N MET A 282 -0.22 32.71 8.17
CA MET A 282 -0.99 31.61 8.76
C MET A 282 -1.58 31.97 10.13
N LEU A 283 -0.86 32.76 10.93
CA LEU A 283 -1.42 33.20 12.22
C LEU A 283 -2.66 34.05 11.97
N MET A 284 -2.57 34.99 11.04
CA MET A 284 -3.73 35.79 10.64
C MET A 284 -4.87 34.91 10.15
N GLN A 285 -4.57 33.87 9.36
CA GLN A 285 -5.62 32.97 8.87
C GLN A 285 -6.30 32.24 10.02
N SER A 286 -5.51 31.73 10.96
CA SER A 286 -6.08 31.07 12.12
C SER A 286 -6.93 32.05 12.94
N THR A 287 -6.47 33.30 13.06
CA THR A 287 -7.24 34.29 13.80
C THR A 287 -8.58 34.57 13.13
N VAL A 288 -8.57 34.77 11.82
CA VAL A 288 -9.83 34.98 11.11
C VAL A 288 -10.73 33.78 11.31
N GLU A 289 -10.16 32.57 11.30
CA GLU A 289 -10.93 31.35 11.53
C GLU A 289 -11.57 31.31 12.91
N SER A 290 -10.84 31.67 13.96
CA SER A 290 -11.47 31.67 15.29
C SER A 290 -12.56 32.72 15.38
N ALA A 291 -12.35 33.88 14.74
CA ALA A 291 -13.36 34.93 14.73
C ALA A 291 -14.64 34.47 14.02
N LYS A 292 -14.50 33.81 12.86
CA LYS A 292 -15.68 33.26 12.20
C LYS A 292 -16.35 32.19 13.05
N ARG A 293 -15.56 31.33 13.70
CA ARG A 293 -16.13 30.31 14.56
C ARG A 293 -16.87 30.94 15.73
N PHE A 294 -16.38 32.07 16.22
CA PHE A 294 -17.02 32.74 17.34
C PHE A 294 -18.41 33.23 16.95
N LEU A 295 -18.56 33.75 15.73
CA LEU A 295 -19.87 34.25 15.29
C LEU A 295 -20.91 33.13 15.25
N GLU A 296 -20.55 31.96 14.75
CA GLU A 296 -21.47 30.84 14.65
C GLU A 296 -21.51 30.02 15.94
N PRO B 3 20.54 -17.09 14.55
CA PRO B 3 19.13 -16.86 14.83
C PRO B 3 18.87 -15.92 16.02
N ALA B 4 17.74 -15.22 15.95
CA ALA B 4 17.46 -14.18 16.92
C ALA B 4 17.10 -14.78 18.27
N GLU B 5 17.52 -14.10 19.33
CA GLU B 5 17.00 -14.39 20.65
C GLU B 5 15.53 -14.00 20.74
N ILE B 6 14.76 -14.83 21.42
CA ILE B 6 13.32 -14.63 21.57
C ILE B 6 13.11 -13.67 22.74
N LEU B 7 12.40 -12.57 22.48
CA LEU B 7 11.91 -11.73 23.56
C LEU B 7 10.66 -12.40 24.09
N ASN B 8 10.71 -12.90 25.33
CA ASN B 8 9.62 -13.71 25.87
C ASN B 8 8.73 -12.81 26.71
N GLY B 9 7.72 -12.22 26.07
CA GLY B 9 6.84 -11.30 26.78
C GLY B 9 6.04 -11.99 27.86
N LYS B 10 5.66 -13.25 27.62
CA LYS B 10 4.97 -14.04 28.63
C LYS B 10 5.77 -14.14 29.93
N GLU B 11 7.09 -14.34 29.85
CA GLU B 11 7.94 -14.38 31.04
C GLU B 11 8.24 -12.99 31.59
N ILE B 12 8.55 -12.04 30.71
CA ILE B 12 8.84 -10.68 31.16
C ILE B 12 7.64 -10.11 31.88
N SER B 13 6.42 -10.32 31.35
CA SER B 13 5.23 -9.75 32.00
C SER B 13 5.01 -10.35 33.39
N ALA B 14 5.18 -11.67 33.53
CA ALA B 14 5.02 -12.31 34.83
C ALA B 14 5.86 -11.62 35.89
N GLN B 15 7.10 -11.30 35.54
CA GLN B 15 7.96 -10.55 36.45
C GLN B 15 7.36 -9.20 36.80
N ILE B 16 6.84 -8.49 35.79
CA ILE B 16 6.21 -7.20 36.05
C ILE B 16 5.00 -7.36 36.96
N ARG B 17 4.16 -8.37 36.68
CA ARG B 17 2.93 -8.52 37.46
C ARG B 17 3.25 -8.95 38.90
N ALA B 18 4.16 -9.90 39.08
CA ALA B 18 4.59 -10.26 40.43
C ALA B 18 5.10 -9.03 41.17
N ARG B 19 5.88 -8.19 40.49
CA ARG B 19 6.35 -6.96 41.13
C ARG B 19 5.21 -6.03 41.48
N LEU B 20 4.20 -5.93 40.61
CA LEU B 20 3.08 -5.04 40.86
C LEU B 20 2.23 -5.52 42.04
N LYS B 21 2.04 -6.85 42.15
CA LYS B 21 1.31 -7.41 43.28
C LYS B 21 1.95 -7.02 44.61
N ASN B 22 3.28 -7.05 44.68
CA ASN B 22 3.97 -6.64 45.90
C ASN B 22 3.71 -5.17 46.21
N GLN B 23 3.71 -4.31 45.19
CA GLN B 23 3.38 -2.92 45.40
C GLN B 23 1.96 -2.77 45.92
N VAL B 24 1.03 -3.57 45.37
CA VAL B 24 -0.38 -3.45 45.73
C VAL B 24 -0.61 -3.98 47.14
N THR B 25 -0.03 -5.14 47.45
CA THR B 25 -0.06 -5.65 48.82
C THR B 25 0.54 -4.65 49.78
N GLN B 26 1.70 -4.07 49.42
CA GLN B 26 2.33 -3.09 50.29
C GLN B 26 1.45 -1.87 50.49
N LEU B 27 0.80 -1.40 49.42
CA LEU B 27 -0.05 -0.23 49.57
C LEU B 27 -1.32 -0.54 50.36
N LYS B 28 -1.77 -1.80 50.33
CA LYS B 28 -2.98 -2.19 51.05
C LYS B 28 -2.76 -2.12 52.57
N GLU B 29 -1.60 -2.59 53.03
CA GLU B 29 -1.26 -2.50 54.45
C GLU B 29 -0.85 -1.09 54.87
N GLN B 30 -0.21 -0.33 53.98
CA GLN B 30 0.21 1.02 54.34
C GLN B 30 -0.98 1.98 54.37
N VAL B 31 -2.01 1.72 53.59
CA VAL B 31 -3.25 2.50 53.64
C VAL B 31 -4.40 1.51 53.75
N PRO B 32 -4.81 1.12 54.96
CA PRO B 32 -5.75 0.00 55.10
C PRO B 32 -7.07 0.28 54.40
N GLY B 33 -7.66 -0.78 53.84
CA GLY B 33 -8.93 -0.68 53.16
C GLY B 33 -8.87 0.00 51.80
N PHE B 34 -7.67 0.20 51.26
CA PHE B 34 -7.49 0.90 49.98
C PHE B 34 -7.01 -0.08 48.92
N THR B 35 -7.63 -0.01 47.74
CA THR B 35 -7.23 -0.84 46.64
C THR B 35 -7.22 0.00 45.36
N PRO B 36 -6.27 -0.25 44.46
CA PRO B 36 -6.44 0.26 43.08
C PRO B 36 -7.74 -0.27 42.48
N ARG B 37 -8.48 0.61 41.83
CA ARG B 37 -9.75 0.24 41.21
C ARG B 37 -9.73 0.66 39.74
N LEU B 38 -9.95 -0.31 38.86
CA LEU B 38 -10.00 -0.11 37.41
C LEU B 38 -11.41 -0.42 36.91
N ALA B 39 -11.87 0.36 35.92
CA ALA B 39 -13.12 0.07 35.22
C ALA B 39 -12.86 -0.03 33.72
N ILE B 40 -13.44 -1.05 33.08
CA ILE B 40 -13.35 -1.25 31.64
C ILE B 40 -14.76 -1.22 31.07
N LEU B 41 -14.98 -0.29 30.14
CA LEU B 41 -16.29 -0.07 29.52
C LEU B 41 -16.25 -0.68 28.13
N GLN B 42 -17.27 -1.48 27.79
CA GLN B 42 -17.37 -2.11 26.49
C GLN B 42 -18.72 -1.80 25.86
N VAL B 43 -18.72 -1.47 24.57
CA VAL B 43 -19.94 -1.28 23.81
C VAL B 43 -20.05 -2.43 22.81
N GLY B 44 -21.12 -3.20 22.91
CA GLY B 44 -21.30 -4.32 22.02
C GLY B 44 -20.65 -5.59 22.51
N ASN B 45 -20.45 -6.53 21.60
CA ASN B 45 -20.02 -7.87 21.97
C ASN B 45 -19.00 -8.47 21.01
N ARG B 46 -17.95 -7.73 20.65
CA ARG B 46 -16.92 -8.30 19.78
C ARG B 46 -16.19 -9.46 20.45
N ASP B 47 -15.89 -10.51 19.66
CA ASP B 47 -15.20 -11.69 20.17
C ASP B 47 -13.79 -11.34 20.68
N ASP B 48 -13.03 -10.57 19.90
CA ASP B 48 -11.68 -10.24 20.35
C ASP B 48 -11.71 -9.30 21.55
N SER B 49 -12.62 -8.32 21.56
CA SER B 49 -12.75 -7.45 22.72
C SER B 49 -13.08 -8.24 23.98
N ASN B 50 -13.96 -9.25 23.85
CA ASN B 50 -14.28 -10.09 25.00
C ASN B 50 -13.03 -10.80 25.53
N LEU B 51 -12.24 -11.40 24.62
CA LEU B 51 -11.02 -12.07 25.04
C LEU B 51 -10.07 -11.10 25.75
N TYR B 52 -9.82 -9.94 25.12
CA TYR B 52 -8.81 -9.02 25.66
C TYR B 52 -9.25 -8.45 26.99
N ILE B 53 -10.54 -8.09 27.11
CA ILE B 53 -11.06 -7.63 28.39
C ILE B 53 -10.92 -8.72 29.45
N ASN B 54 -11.20 -9.98 29.08
CA ASN B 54 -11.07 -11.08 30.03
C ASN B 54 -9.63 -11.24 30.51
N VAL B 55 -8.67 -11.20 29.60
CA VAL B 55 -7.27 -11.26 29.97
C VAL B 55 -6.92 -10.13 30.92
N LYS B 56 -7.42 -8.92 30.66
CA LYS B 56 -7.10 -7.81 31.55
C LYS B 56 -7.71 -8.03 32.94
N LEU B 57 -8.93 -8.56 33.01
CA LEU B 57 -9.53 -8.84 34.30
C LEU B 57 -8.70 -9.89 35.05
N LYS B 58 -8.27 -10.92 34.33
CA LYS B 58 -7.43 -11.95 34.92
C LYS B 58 -6.17 -11.33 35.53
N ALA B 59 -5.46 -10.52 34.76
CA ALA B 59 -4.25 -9.87 35.28
C ALA B 59 -4.56 -9.00 36.49
N ALA B 60 -5.64 -8.22 36.43
CA ALA B 60 -5.95 -7.34 37.56
C ALA B 60 -6.28 -8.16 38.82
N GLU B 61 -6.94 -9.31 38.64
CA GLU B 61 -7.25 -10.16 39.79
C GLU B 61 -5.97 -10.65 40.49
N GLU B 62 -5.02 -11.19 39.71
CA GLU B 62 -3.77 -11.70 40.27
C GLU B 62 -3.02 -10.66 41.09
N ILE B 63 -3.07 -9.40 40.68
CA ILE B 63 -2.25 -8.35 41.28
C ILE B 63 -2.89 -7.77 42.52
N GLY B 64 -4.22 -7.82 42.62
CA GLY B 64 -4.91 -7.12 43.67
C GLY B 64 -5.60 -5.84 43.25
N ILE B 65 -5.73 -5.59 41.95
CA ILE B 65 -6.53 -4.47 41.45
C ILE B 65 -7.98 -4.93 41.36
N LYS B 66 -8.92 -4.12 41.84
CA LYS B 66 -10.36 -4.38 41.71
C LYS B 66 -10.83 -3.87 40.34
N ALA B 67 -11.03 -4.78 39.39
CA ALA B 67 -11.39 -4.41 38.02
C ALA B 67 -12.85 -4.76 37.73
N THR B 68 -13.62 -3.75 37.34
CA THR B 68 -15.01 -3.90 36.93
C THR B 68 -15.12 -3.86 35.40
N HIS B 69 -16.02 -4.70 34.86
CA HIS B 69 -16.31 -4.77 33.41
C HIS B 69 -17.76 -4.36 33.19
N ILE B 70 -17.98 -3.19 32.60
CA ILE B 70 -19.32 -2.77 32.21
C ILE B 70 -19.48 -3.03 30.70
N LYS B 71 -20.43 -3.90 30.34
CA LYS B 71 -20.71 -4.25 28.94
C LYS B 71 -22.06 -3.71 28.51
N LEU B 72 -22.06 -2.68 27.60
CA LEU B 72 -23.28 -2.08 27.09
C LEU B 72 -23.69 -2.75 25.78
N PRO B 73 -24.97 -2.77 25.45
CA PRO B 73 -25.41 -3.52 24.26
C PRO B 73 -25.10 -2.77 22.97
N ARG B 74 -25.13 -3.51 21.85
CA ARG B 74 -24.84 -2.94 20.54
C ARG B 74 -25.74 -1.77 20.20
N THR B 75 -26.93 -1.71 20.79
CA THR B 75 -27.85 -0.61 20.52
C THR B 75 -27.59 0.61 21.39
N THR B 76 -26.43 0.69 22.05
CA THR B 76 -26.16 1.82 22.92
C THR B 76 -26.00 3.10 22.10
N THR B 77 -26.50 4.20 22.64
CA THR B 77 -26.30 5.50 22.03
C THR B 77 -25.04 6.17 22.57
N GLU B 78 -24.61 7.21 21.87
CA GLU B 78 -23.48 8.00 22.35
C GLU B 78 -23.79 8.63 23.71
N SER B 79 -25.02 9.12 23.91
CA SER B 79 -25.32 9.75 25.18
C SER B 79 -25.41 8.75 26.33
N GLU B 80 -25.78 7.50 26.06
CA GLU B 80 -25.74 6.49 27.11
C GLU B 80 -24.30 6.20 27.53
N VAL B 81 -23.38 6.14 26.57
CA VAL B 81 -21.97 5.96 26.88
C VAL B 81 -21.46 7.10 27.75
N MET B 82 -21.79 8.34 27.38
CA MET B 82 -21.34 9.51 28.11
C MET B 82 -21.85 9.53 29.54
N LYS B 83 -22.99 8.89 29.81
CA LYS B 83 -23.44 8.80 31.20
C LYS B 83 -22.48 7.96 32.03
N TYR B 84 -21.98 6.85 31.48
CA TYR B 84 -21.03 6.03 32.21
C TYR B 84 -19.69 6.73 32.38
N ILE B 85 -19.21 7.41 31.34
CA ILE B 85 -17.92 8.10 31.45
C ILE B 85 -18.00 9.21 32.48
N THR B 86 -19.08 10.00 32.44
CA THR B 86 -19.30 11.03 33.45
C THR B 86 -19.36 10.42 34.85
N SER B 87 -20.05 9.30 35.00
CA SER B 87 -20.13 8.67 36.30
C SER B 87 -18.76 8.20 36.77
N LEU B 88 -17.95 7.65 35.87
CA LEU B 88 -16.65 7.13 36.29
C LEU B 88 -15.67 8.26 36.61
N ASN B 89 -15.73 9.37 35.86
CA ASN B 89 -14.89 10.52 36.21
C ASN B 89 -15.14 10.98 37.64
N GLU B 90 -16.41 11.05 38.03
CA GLU B 90 -16.81 11.64 39.31
C GLU B 90 -16.66 10.68 40.49
N ASP B 91 -16.54 9.37 40.24
CA ASP B 91 -16.38 8.40 41.33
C ASP B 91 -14.93 8.42 41.82
N SER B 92 -14.73 9.01 43.01
CA SER B 92 -13.38 9.11 43.56
C SER B 92 -12.79 7.75 43.87
N THR B 93 -13.61 6.70 43.99
CA THR B 93 -13.09 5.36 44.23
C THR B 93 -12.52 4.70 42.98
N VAL B 94 -12.84 5.23 41.79
CA VAL B 94 -12.28 4.72 40.55
C VAL B 94 -11.01 5.50 40.23
N HIS B 95 -9.90 4.79 40.08
CA HIS B 95 -8.63 5.46 39.84
C HIS B 95 -8.28 5.56 38.36
N GLY B 96 -8.63 4.56 37.57
CA GLY B 96 -8.44 4.63 36.14
C GLY B 96 -9.54 3.87 35.44
N PHE B 97 -9.83 4.28 34.21
CA PHE B 97 -10.79 3.53 33.40
C PHE B 97 -10.49 3.72 31.92
N LEU B 98 -11.01 2.80 31.12
CA LEU B 98 -10.78 2.82 29.69
C LEU B 98 -12.03 2.31 28.98
N VAL B 99 -12.15 2.72 27.73
CA VAL B 99 -13.15 2.22 26.81
C VAL B 99 -12.43 1.29 25.85
N GLN B 100 -12.75 0.00 25.89
CA GLN B 100 -12.19 -0.93 24.91
C GLN B 100 -12.61 -0.50 23.51
N LEU B 101 -11.67 -0.58 22.56
CA LEU B 101 -11.91 -0.10 21.21
C LEU B 101 -11.69 -1.21 20.19
N PRO B 102 -12.36 -1.15 19.02
CA PRO B 102 -13.39 -0.19 18.59
C PRO B 102 -14.73 -0.40 19.28
N LEU B 103 -15.56 0.64 19.37
CA LEU B 103 -16.93 0.47 19.81
C LEU B 103 -17.70 -0.32 18.76
N ASP B 104 -18.46 -1.32 19.19
CA ASP B 104 -19.30 -2.14 18.33
C ASP B 104 -20.75 -1.73 18.60
N SER B 105 -21.18 -0.67 17.92
CA SER B 105 -22.54 -0.18 18.05
C SER B 105 -23.17 -0.04 16.67
N GLU B 106 -24.45 -0.41 16.56
CA GLU B 106 -25.18 -0.19 15.31
C GLU B 106 -25.51 1.28 15.09
N ASN B 107 -25.50 2.08 16.15
CA ASN B 107 -25.62 3.53 16.01
C ASN B 107 -24.26 4.11 15.70
N SER B 108 -24.25 5.38 15.29
CA SER B 108 -23.02 6.08 14.98
C SER B 108 -22.62 6.86 16.24
N ILE B 109 -21.43 6.57 16.76
CA ILE B 109 -20.95 7.16 18.00
C ILE B 109 -19.60 7.79 17.70
N ASN B 110 -19.45 9.05 18.06
CA ASN B 110 -18.18 9.74 17.85
C ASN B 110 -17.17 9.22 18.86
N THR B 111 -16.35 8.25 18.42
CA THR B 111 -15.32 7.68 19.28
C THR B 111 -14.44 8.75 19.92
N GLU B 112 -14.04 9.76 19.14
CA GLU B 112 -13.17 10.81 19.65
C GLU B 112 -13.86 11.60 20.76
N GLU B 113 -15.15 11.90 20.59
CA GLU B 113 -15.89 12.62 21.63
C GLU B 113 -15.99 11.81 22.91
N VAL B 114 -16.19 10.50 22.79
CA VAL B 114 -16.27 9.63 23.94
C VAL B 114 -14.92 9.59 24.68
N ILE B 115 -13.87 9.19 23.97
CA ILE B 115 -12.55 9.04 24.58
C ILE B 115 -12.14 10.34 25.26
N ASN B 116 -12.36 11.46 24.59
CA ASN B 116 -11.92 12.74 25.10
C ASN B 116 -12.76 13.26 26.25
N ALA B 117 -13.86 12.59 26.59
CA ALA B 117 -14.57 12.92 27.82
C ALA B 117 -13.93 12.28 29.06
N ILE B 118 -13.01 11.35 28.88
CA ILE B 118 -12.34 10.72 30.02
C ILE B 118 -11.46 11.75 30.70
N ALA B 119 -11.53 11.82 32.03
CA ALA B 119 -10.64 12.69 32.78
C ALA B 119 -9.20 12.26 32.52
N PRO B 120 -8.29 13.20 32.22
CA PRO B 120 -6.92 12.82 31.85
C PRO B 120 -6.16 12.06 32.94
N GLU B 121 -6.42 12.35 34.21
CA GLU B 121 -5.72 11.70 35.29
C GLU B 121 -6.27 10.31 35.60
N LYS B 122 -7.37 9.89 34.96
CA LYS B 122 -7.82 8.50 35.01
C LYS B 122 -7.63 7.76 33.68
N ASP B 123 -6.96 8.39 32.71
CA ASP B 123 -6.92 7.89 31.33
C ASP B 123 -5.75 6.92 31.19
N VAL B 124 -5.88 5.77 31.88
CA VAL B 124 -4.79 4.81 31.97
C VAL B 124 -4.43 4.21 30.62
N ASP B 125 -5.32 4.31 29.62
CA ASP B 125 -4.99 3.89 28.27
C ASP B 125 -4.24 4.97 27.47
N GLY B 126 -4.13 6.18 28.02
CA GLY B 126 -3.45 7.28 27.35
C GLY B 126 -4.06 7.67 26.01
N LEU B 127 -5.37 7.54 25.86
CA LEU B 127 -6.00 7.79 24.56
C LEU B 127 -6.61 9.19 24.44
N THR B 128 -6.71 9.96 25.52
CA THR B 128 -7.24 11.31 25.37
C THR B 128 -6.26 12.19 24.58
N SER B 129 -6.81 13.23 23.95
CA SER B 129 -5.98 14.19 23.23
C SER B 129 -4.95 14.80 24.16
N ILE B 130 -5.35 15.09 25.40
CA ILE B 130 -4.45 15.75 26.34
C ILE B 130 -3.19 14.89 26.57
N ASN B 131 -3.38 13.61 26.90
CA ASN B 131 -2.21 12.76 27.12
C ASN B 131 -1.43 12.52 25.84
N ALA B 132 -2.13 12.36 24.71
CA ALA B 132 -1.43 12.20 23.43
C ALA B 132 -0.60 13.42 23.10
N GLY B 133 -1.13 14.62 23.35
CA GLY B 133 -0.38 15.84 23.05
C GLY B 133 0.86 16.00 23.92
N ARG B 134 0.79 15.58 25.19
CA ARG B 134 1.98 15.59 26.03
C ARG B 134 3.05 14.66 25.47
N LEU B 135 2.66 13.40 25.21
CA LEU B 135 3.59 12.43 24.66
C LEU B 135 4.16 12.88 23.31
N ALA B 136 3.29 13.42 22.44
CA ALA B 136 3.78 13.81 21.11
C ALA B 136 4.70 15.01 21.13
N ARG B 137 4.70 15.78 22.21
CA ARG B 137 5.59 16.92 22.35
C ARG B 137 6.73 16.67 23.34
N GLY B 138 6.90 15.43 23.80
CA GLY B 138 8.05 15.07 24.62
C GLY B 138 7.92 15.33 26.10
N ASP B 139 6.71 15.63 26.58
CA ASP B 139 6.44 15.83 28.00
C ASP B 139 6.03 14.49 28.64
N LEU B 140 7.01 13.59 28.75
CA LEU B 140 6.76 12.19 29.07
C LEU B 140 6.58 11.91 30.55
N ASN B 141 6.84 12.85 31.44
CA ASN B 141 6.68 12.62 32.87
C ASN B 141 5.35 13.14 33.41
N ASP B 142 4.50 13.68 32.54
CA ASP B 142 3.22 14.25 32.95
C ASP B 142 2.03 13.47 32.40
N CYS B 143 2.26 12.34 31.72
CA CYS B 143 1.16 11.78 30.96
C CYS B 143 1.11 10.27 31.11
N PHE B 144 -0.09 9.73 30.87
CA PHE B 144 -0.22 8.30 30.64
C PHE B 144 0.14 7.99 29.20
N ILE B 145 1.00 6.99 29.01
CA ILE B 145 1.45 6.53 27.70
C ILE B 145 0.65 5.29 27.28
N PRO B 146 0.21 5.19 26.02
CA PRO B 146 -0.60 4.03 25.62
C PRO B 146 0.14 2.71 25.91
N CYS B 147 -0.64 1.70 26.32
CA CYS B 147 -0.05 0.53 26.98
C CYS B 147 0.71 -0.35 26.02
N THR B 148 0.24 -0.48 24.76
CA THR B 148 1.03 -1.26 23.81
C THR B 148 2.37 -0.60 23.52
N PRO B 149 2.45 0.70 23.20
CA PRO B 149 3.77 1.34 23.13
C PRO B 149 4.61 1.14 24.39
N LYS B 150 4.06 1.38 25.59
CA LYS B 150 4.80 1.13 26.83
C LYS B 150 5.41 -0.27 26.82
N GLY B 151 4.62 -1.26 26.42
CA GLY B 151 5.09 -2.62 26.46
C GLY B 151 6.19 -2.88 25.47
N CYS B 152 6.09 -2.28 24.28
CA CYS B 152 7.12 -2.44 23.26
C CYS B 152 8.43 -1.83 23.68
N LEU B 153 8.39 -0.66 24.32
CA LEU B 153 9.61 -0.03 24.82
C LEU B 153 10.31 -0.93 25.84
N GLU B 154 9.56 -1.55 26.75
CA GLU B 154 10.17 -2.43 27.74
C GLU B 154 10.81 -3.63 27.08
N LEU B 155 10.15 -4.21 26.08
CA LEU B 155 10.73 -5.31 25.31
C LEU B 155 12.03 -4.89 24.64
N ILE B 156 12.10 -3.67 24.12
CA ILE B 156 13.32 -3.18 23.47
C ILE B 156 14.45 -3.05 24.50
N LYS B 157 14.16 -2.47 25.67
CA LYS B 157 15.16 -2.31 26.72
C LYS B 157 15.69 -3.65 27.21
N GLU B 158 14.82 -4.67 27.27
CA GLU B 158 15.25 -5.99 27.69
C GLU B 158 16.36 -6.56 26.80
N THR B 159 16.50 -6.07 25.56
CA THR B 159 17.62 -6.50 24.73
C THR B 159 18.95 -5.93 25.21
N GLY B 160 18.94 -4.90 26.05
CA GLY B 160 20.16 -4.22 26.43
C GLY B 160 20.81 -3.36 25.37
N VAL B 161 20.32 -3.36 24.13
CA VAL B 161 20.83 -2.46 23.09
C VAL B 161 20.26 -1.06 23.28
N PRO B 162 21.10 -0.03 23.44
CA PRO B 162 20.56 1.34 23.61
C PRO B 162 19.79 1.81 22.37
N ILE B 163 18.77 2.62 22.61
CA ILE B 163 17.89 3.13 21.54
C ILE B 163 18.46 4.40 20.92
N ALA B 164 19.08 5.27 21.74
CA ALA B 164 19.56 6.57 21.27
C ALA B 164 20.47 6.41 20.05
N GLY B 165 20.14 7.14 18.98
CA GLY B 165 20.93 7.13 17.76
C GLY B 165 20.63 6.00 16.80
N ARG B 166 19.87 4.98 17.20
CA ARG B 166 19.50 3.95 16.26
C ARG B 166 18.36 4.47 15.38
N HIS B 167 18.21 3.86 14.21
CA HIS B 167 17.10 4.21 13.34
C HIS B 167 15.94 3.26 13.58
N ALA B 168 14.82 3.81 14.02
CA ALA B 168 13.61 3.04 14.31
C ALA B 168 12.63 3.22 13.16
N VAL B 169 12.03 2.14 12.70
CA VAL B 169 10.95 2.19 11.71
C VAL B 169 9.68 1.65 12.38
N VAL B 170 8.60 2.44 12.34
CA VAL B 170 7.28 2.01 12.82
C VAL B 170 6.37 1.86 11.61
N VAL B 171 5.78 0.68 11.45
CA VAL B 171 4.85 0.43 10.35
C VAL B 171 3.46 0.43 10.95
N GLY B 172 2.69 1.44 10.60
CA GLY B 172 1.40 1.72 11.19
C GLY B 172 1.43 3.02 11.98
N ARG B 173 0.30 3.69 12.02
CA ARG B 173 0.19 4.99 12.66
C ARG B 173 -1.12 5.09 13.42
N SER B 174 -1.64 3.98 13.93
CA SER B 174 -2.95 4.07 14.56
C SER B 174 -2.85 4.87 15.87
N LYS B 175 -4.00 5.33 16.34
CA LYS B 175 -4.04 6.11 17.57
C LYS B 175 -3.60 5.28 18.77
N ILE B 176 -3.93 3.99 18.78
CA ILE B 176 -3.69 3.13 19.94
C ILE B 176 -2.24 2.63 19.98
N VAL B 177 -1.63 2.40 18.81
CA VAL B 177 -0.31 1.78 18.78
C VAL B 177 0.72 2.57 17.98
N GLY B 178 0.51 2.71 16.67
CA GLY B 178 1.56 3.16 15.78
C GLY B 178 1.98 4.61 16.04
N ALA B 179 1.02 5.51 16.22
CA ALA B 179 1.42 6.90 16.40
C ALA B 179 2.08 7.11 17.74
N PRO B 180 1.52 6.64 18.87
CA PRO B 180 2.28 6.76 20.12
C PRO B 180 3.59 5.98 20.12
N MET B 181 3.70 4.88 19.37
CA MET B 181 4.99 4.18 19.29
C MET B 181 6.05 5.07 18.66
N HIS B 182 5.67 5.83 17.63
CA HIS B 182 6.62 6.75 17.02
C HIS B 182 7.11 7.78 18.04
N ASP B 183 6.18 8.38 18.81
CA ASP B 183 6.57 9.41 19.77
C ASP B 183 7.49 8.85 20.86
N LEU B 184 7.17 7.67 21.37
CA LEU B 184 7.96 7.10 22.46
C LEU B 184 9.39 6.81 22.01
N LEU B 185 9.55 6.25 20.82
CA LEU B 185 10.89 6.04 20.27
C LEU B 185 11.60 7.35 20.00
N LEU B 186 10.89 8.35 19.48
CA LEU B 186 11.54 9.63 19.19
C LEU B 186 12.10 10.26 20.45
N TRP B 187 11.33 10.27 21.52
CA TRP B 187 11.83 10.90 22.73
C TRP B 187 12.72 9.99 23.55
N ASN B 188 12.88 8.74 23.14
CA ASN B 188 14.02 7.93 23.56
C ASN B 188 15.23 8.11 22.64
N ASN B 189 15.17 9.07 21.71
CA ASN B 189 16.26 9.59 20.89
C ASN B 189 16.68 8.68 19.76
N ALA B 190 15.78 7.77 19.36
CA ALA B 190 15.95 7.15 18.05
C ALA B 190 15.66 8.19 16.97
N THR B 191 16.20 7.94 15.77
CA THR B 191 15.71 8.56 14.55
C THR B 191 14.58 7.67 14.01
N VAL B 192 13.39 8.23 13.81
CA VAL B 192 12.18 7.42 13.58
C VAL B 192 11.57 7.72 12.20
N THR B 193 11.28 6.68 11.45
CA THR B 193 10.48 6.73 10.23
C THR B 193 9.13 6.07 10.48
N THR B 194 8.04 6.75 10.14
CA THR B 194 6.70 6.15 10.21
C THR B 194 6.19 5.84 8.81
N CYS B 195 5.75 4.59 8.62
CA CYS B 195 5.17 4.07 7.39
C CYS B 195 3.70 3.74 7.61
N HIS B 196 2.95 3.61 6.51
CA HIS B 196 1.51 3.41 6.60
C HIS B 196 1.02 2.84 5.28
N SER B 197 -0.32 2.80 5.10
CA SER B 197 -0.83 2.17 3.87
C SER B 197 -0.47 2.94 2.60
N LYS B 198 0.02 4.17 2.69
CA LYS B 198 0.40 4.93 1.50
C LYS B 198 1.91 5.01 1.29
N THR B 199 2.70 4.33 2.11
CA THR B 199 4.14 4.33 1.92
C THR B 199 4.47 3.58 0.63
N ALA B 200 5.30 4.19 -0.21
CA ALA B 200 5.83 3.50 -1.40
C ALA B 200 7.08 2.71 -1.02
N HIS B 201 7.31 1.59 -1.73
CA HIS B 201 8.50 0.74 -1.51
C HIS B 201 8.66 0.38 -0.05
N LEU B 202 7.59 -0.14 0.54
CA LEU B 202 7.61 -0.47 1.96
C LEU B 202 8.80 -1.35 2.29
N ASP B 203 9.11 -2.30 1.40
CA ASP B 203 10.20 -3.24 1.71
C ASP B 203 11.51 -2.50 1.91
N GLU B 204 11.79 -1.51 1.05
CA GLU B 204 13.01 -0.71 1.19
C GLU B 204 13.02 0.07 2.48
N GLU B 205 11.86 0.63 2.86
CA GLU B 205 11.77 1.43 4.07
C GLU B 205 11.94 0.55 5.32
N VAL B 206 11.35 -0.64 5.32
CA VAL B 206 11.50 -1.51 6.48
C VAL B 206 12.97 -1.86 6.71
N ASN B 207 13.73 -2.01 5.63
CA ASN B 207 15.13 -2.43 5.67
C ASN B 207 16.05 -1.41 6.32
N LYS B 208 15.59 -0.18 6.57
CA LYS B 208 16.41 0.81 7.26
C LYS B 208 16.33 0.67 8.77
N GLY B 209 15.44 -0.15 9.29
CA GLY B 209 15.21 -0.17 10.71
C GLY B 209 16.13 -1.05 11.52
N ASP B 210 17.01 -0.43 12.33
CA ASP B 210 17.67 -1.13 13.42
C ASP B 210 16.66 -1.61 14.46
N ILE B 211 15.58 -0.86 14.64
CA ILE B 211 14.45 -1.23 15.47
C ILE B 211 13.23 -1.20 14.56
N LEU B 212 12.44 -2.27 14.59
CA LEU B 212 11.29 -2.38 13.71
C LEU B 212 10.09 -2.75 14.56
N VAL B 213 9.07 -1.88 14.56
CA VAL B 213 7.81 -2.14 15.24
C VAL B 213 6.70 -2.17 14.19
N VAL B 214 6.00 -3.31 14.09
CA VAL B 214 5.00 -3.51 13.05
C VAL B 214 3.65 -3.59 13.73
N ALA B 215 2.74 -2.67 13.38
CA ALA B 215 1.37 -2.69 13.89
C ALA B 215 0.43 -2.32 12.75
N THR B 216 0.11 -3.31 11.91
CA THR B 216 -0.68 -3.12 10.70
C THR B 216 -1.95 -3.96 10.61
N GLY B 217 -2.07 -5.04 11.38
CA GLY B 217 -3.23 -5.90 11.21
C GLY B 217 -3.25 -6.67 9.91
N GLN B 218 -2.10 -6.82 9.24
CA GLN B 218 -2.00 -7.54 7.98
C GLN B 218 -1.15 -8.78 8.20
N PRO B 219 -1.73 -9.98 8.19
CA PRO B 219 -1.00 -11.17 8.68
C PRO B 219 0.27 -11.45 7.90
N GLU B 220 1.39 -11.55 8.62
CA GLU B 220 2.68 -11.91 8.03
C GLU B 220 3.05 -11.07 6.81
N MET B 221 2.58 -9.82 6.78
CA MET B 221 2.81 -8.99 5.59
C MET B 221 4.27 -8.55 5.48
N VAL B 222 4.91 -8.29 6.61
CA VAL B 222 6.30 -7.85 6.60
C VAL B 222 7.17 -9.09 6.48
N LYS B 223 7.87 -9.22 5.35
CA LYS B 223 8.63 -10.41 5.02
C LYS B 223 10.01 -10.35 5.65
N GLY B 224 10.58 -11.53 5.91
CA GLY B 224 11.88 -11.58 6.54
C GLY B 224 12.98 -11.00 5.68
N GLU B 225 12.86 -11.14 4.36
CA GLU B 225 13.84 -10.58 3.45
C GLU B 225 13.99 -9.08 3.65
N TRP B 226 12.88 -8.43 4.03
CA TRP B 226 12.87 -6.99 4.23
C TRP B 226 13.70 -6.57 5.42
N ILE B 227 13.91 -7.47 6.39
CA ILE B 227 14.48 -7.10 7.68
C ILE B 227 15.94 -6.73 7.52
N LYS B 228 16.36 -5.67 8.23
CA LYS B 228 17.76 -5.35 8.30
C LYS B 228 18.48 -6.42 9.12
N PRO B 229 19.59 -6.98 8.64
CA PRO B 229 20.31 -7.98 9.44
C PRO B 229 20.67 -7.42 10.81
N GLY B 230 20.31 -8.18 11.85
CA GLY B 230 20.59 -7.75 13.20
C GLY B 230 19.54 -6.87 13.84
N ALA B 231 18.38 -6.70 13.20
CA ALA B 231 17.36 -5.78 13.71
C ALA B 231 16.67 -6.33 14.96
N ILE B 232 16.18 -5.41 15.80
CA ILE B 232 15.24 -5.73 16.87
C ILE B 232 13.84 -5.59 16.31
N VAL B 233 13.11 -6.71 16.25
CA VAL B 233 11.82 -6.80 15.55
C VAL B 233 10.74 -6.96 16.61
N ILE B 234 9.85 -5.97 16.70
CA ILE B 234 8.75 -5.94 17.65
C ILE B 234 7.45 -6.09 16.87
N ASP B 235 6.72 -7.18 17.10
CA ASP B 235 5.55 -7.51 16.31
C ASP B 235 4.27 -7.39 17.15
N CYS B 236 3.47 -6.35 16.87
CA CYS B 236 2.23 -6.12 17.60
C CYS B 236 1.04 -6.87 17.03
N GLY B 237 1.18 -7.51 15.87
CA GLY B 237 0.01 -8.09 15.22
C GLY B 237 -0.51 -9.29 15.98
N ILE B 238 -1.84 -9.44 15.96
CA ILE B 238 -2.57 -10.57 16.51
C ILE B 238 -3.63 -10.94 15.47
N ASN B 239 -3.35 -11.94 14.64
CA ASN B 239 -4.19 -12.25 13.49
C ASN B 239 -4.62 -13.70 13.56
N TYR B 240 -5.91 -13.95 13.36
CA TYR B 240 -6.46 -15.30 13.34
C TYR B 240 -6.57 -15.74 11.89
N VAL B 241 -5.70 -16.66 11.49
CA VAL B 241 -5.62 -17.17 10.11
C VAL B 241 -5.98 -18.65 10.12
N PRO B 242 -6.20 -19.29 8.96
CA PRO B 242 -6.53 -20.73 8.95
C PRO B 242 -5.45 -21.62 9.59
N LYS B 251 -5.40 -20.65 13.75
CA LYS B 251 -3.99 -20.31 14.02
C LYS B 251 -3.79 -18.80 14.22
N VAL B 252 -2.85 -18.42 15.07
CA VAL B 252 -2.59 -17.01 15.39
C VAL B 252 -1.20 -16.65 14.86
N VAL B 253 -1.15 -15.66 13.96
CA VAL B 253 0.12 -15.16 13.44
C VAL B 253 0.19 -13.65 13.67
N GLY B 254 1.39 -13.10 13.54
CA GLY B 254 1.63 -11.69 13.69
C GLY B 254 1.64 -10.98 12.35
N ASP B 255 2.06 -9.70 12.39
CA ASP B 255 2.21 -8.95 11.15
C ASP B 255 3.55 -9.17 10.48
N VAL B 256 4.45 -9.96 11.07
CA VAL B 256 5.76 -10.25 10.52
C VAL B 256 5.85 -11.74 10.21
N ALA B 257 6.41 -12.09 9.04
CA ALA B 257 6.63 -13.50 8.72
C ALA B 257 7.71 -14.05 9.64
N TYR B 258 7.27 -14.66 10.73
CA TYR B 258 8.16 -14.91 11.86
C TYR B 258 9.27 -15.89 11.51
N ASP B 259 8.96 -16.91 10.72
CA ASP B 259 9.93 -17.96 10.46
C ASP B 259 11.19 -17.40 9.83
N GLU B 260 11.04 -16.64 8.75
CA GLU B 260 12.22 -16.10 8.08
C GLU B 260 12.76 -14.84 8.74
N ALA B 261 11.94 -14.10 9.49
CA ALA B 261 12.46 -12.93 10.19
C ALA B 261 13.43 -13.32 11.31
N LYS B 262 13.16 -14.45 11.95
CA LYS B 262 14.06 -14.97 12.99
C LYS B 262 15.47 -15.21 12.48
N GLU B 263 15.62 -15.54 11.18
CA GLU B 263 16.95 -15.78 10.60
C GLU B 263 17.70 -14.50 10.28
N ARG B 264 17.14 -13.33 10.60
CA ARG B 264 17.73 -12.03 10.32
C ARG B 264 17.84 -11.14 11.54
N ALA B 265 16.83 -11.15 12.40
CA ALA B 265 16.84 -10.30 13.57
C ALA B 265 17.93 -10.75 14.53
N SER B 266 18.35 -9.84 15.40
CA SER B 266 19.08 -10.22 16.60
C SER B 266 18.14 -10.50 17.78
N PHE B 267 16.97 -9.87 17.79
CA PHE B 267 15.95 -10.09 18.81
C PHE B 267 14.58 -9.97 18.15
N ILE B 268 13.67 -10.89 18.45
CA ILE B 268 12.34 -10.91 17.85
C ILE B 268 11.32 -11.33 18.91
N THR B 269 10.09 -10.74 18.83
CA THR B 269 8.94 -11.07 19.66
C THR B 269 8.11 -12.15 18.98
N PRO B 270 7.81 -13.26 19.65
CA PRO B 270 6.93 -14.27 19.08
C PRO B 270 5.49 -13.81 19.15
N VAL B 271 4.67 -14.43 18.30
CA VAL B 271 3.22 -14.26 18.37
C VAL B 271 2.61 -15.65 18.45
N PRO B 272 1.86 -15.96 19.52
CA PRO B 272 1.60 -15.15 20.71
C PRO B 272 2.74 -15.14 21.72
N GLY B 273 2.53 -14.55 22.90
CA GLY B 273 3.53 -14.54 23.96
C GLY B 273 4.57 -13.43 23.88
N GLY B 274 4.36 -12.42 23.04
CA GLY B 274 5.28 -11.31 22.96
C GLY B 274 4.72 -10.02 23.50
N VAL B 275 4.25 -9.16 22.58
CA VAL B 275 3.71 -7.85 22.95
C VAL B 275 2.44 -7.97 23.78
N GLY B 276 1.55 -8.88 23.38
CA GLY B 276 0.25 -9.06 24.00
C GLY B 276 0.22 -9.04 25.51
N PRO B 277 0.97 -9.95 26.15
CA PRO B 277 1.00 -9.91 27.63
C PRO B 277 1.65 -8.66 28.17
N MET B 278 2.59 -8.08 27.44
CA MET B 278 3.19 -6.83 27.90
C MET B 278 2.18 -5.70 27.87
N THR B 279 1.35 -5.63 26.82
CA THR B 279 0.26 -4.64 26.80
C THR B 279 -0.54 -4.70 28.09
N VAL B 280 -0.91 -5.91 28.52
CA VAL B 280 -1.76 -6.04 29.70
C VAL B 280 -1.00 -5.62 30.94
N ALA B 281 0.24 -6.07 31.08
CA ALA B 281 1.02 -5.70 32.26
C ALA B 281 1.18 -4.20 32.37
N MET B 282 1.39 -3.52 31.24
CA MET B 282 1.61 -2.08 31.29
C MET B 282 0.35 -1.34 31.71
N LEU B 283 -0.82 -1.86 31.33
CA LEU B 283 -2.08 -1.32 31.83
C LEU B 283 -2.17 -1.43 33.35
N MET B 284 -1.83 -2.59 33.89
CA MET B 284 -1.85 -2.75 35.35
C MET B 284 -0.85 -1.80 36.01
N GLN B 285 0.30 -1.59 35.37
CA GLN B 285 1.27 -0.62 35.87
C GLN B 285 0.68 0.79 35.93
N SER B 286 0.07 1.25 34.82
CA SER B 286 -0.53 2.59 34.83
C SER B 286 -1.66 2.67 35.85
N THR B 287 -2.43 1.60 36.01
CA THR B 287 -3.48 1.62 37.03
C THR B 287 -2.88 1.81 38.42
N VAL B 288 -1.83 1.05 38.74
CA VAL B 288 -1.22 1.23 40.06
C VAL B 288 -0.60 2.62 40.18
N GLU B 289 -0.01 3.14 39.10
CA GLU B 289 0.52 4.49 39.14
C GLU B 289 -0.58 5.52 39.45
N SER B 290 -1.75 5.40 38.84
CA SER B 290 -2.78 6.38 39.16
C SER B 290 -3.37 6.18 40.55
N ALA B 291 -3.30 4.96 41.10
CA ALA B 291 -3.71 4.77 42.48
C ALA B 291 -2.76 5.50 43.43
N LYS B 292 -1.45 5.31 43.23
CA LYS B 292 -0.45 6.03 44.01
C LYS B 292 -0.57 7.53 43.82
N ARG B 293 -0.80 7.98 42.59
CA ARG B 293 -0.97 9.41 42.36
C ARG B 293 -2.19 9.92 43.12
N PHE B 294 -3.28 9.14 43.11
CA PHE B 294 -4.49 9.57 43.79
C PHE B 294 -4.23 9.81 45.28
N LEU B 295 -3.39 8.98 45.90
CA LEU B 295 -3.11 9.10 47.32
C LEU B 295 -2.40 10.40 47.70
N GLU B 296 -1.73 11.06 46.74
CA GLU B 296 -1.09 12.34 47.01
C GLU B 296 -1.94 13.51 46.49
N ALA C 2 0.36 23.11 -28.90
CA ALA C 2 1.10 22.41 -27.87
C ALA C 2 0.32 21.33 -27.08
N PRO C 3 -0.83 21.64 -26.45
CA PRO C 3 -1.39 20.70 -25.47
C PRO C 3 -2.11 19.50 -26.07
N ALA C 4 -2.04 18.39 -25.35
CA ALA C 4 -2.65 17.13 -25.81
C ALA C 4 -4.16 17.26 -25.89
N GLU C 5 -4.74 16.56 -26.87
CA GLU C 5 -6.18 16.45 -26.96
C GLU C 5 -6.71 15.60 -25.80
N ILE C 6 -7.88 15.98 -25.28
CA ILE C 6 -8.48 15.35 -24.10
C ILE C 6 -9.31 14.15 -24.53
N LEU C 7 -9.06 13.00 -23.91
CA LEU C 7 -9.93 11.83 -24.09
C LEU C 7 -11.03 11.94 -23.04
N ASN C 8 -12.19 12.48 -23.42
CA ASN C 8 -13.25 12.75 -22.45
C ASN C 8 -14.04 11.48 -22.14
N GLY C 9 -13.61 10.77 -21.09
CA GLY C 9 -14.30 9.56 -20.66
C GLY C 9 -15.74 9.79 -20.23
N LYS C 10 -16.04 10.96 -19.67
CA LYS C 10 -17.41 11.27 -19.28
C LYS C 10 -18.34 11.29 -20.50
N GLU C 11 -17.97 12.02 -21.56
CA GLU C 11 -18.76 12.05 -22.79
C GLU C 11 -18.79 10.69 -23.48
N ILE C 12 -17.63 10.03 -23.59
CA ILE C 12 -17.54 8.77 -24.31
C ILE C 12 -18.35 7.68 -23.61
N SER C 13 -18.25 7.59 -22.28
CA SER C 13 -19.04 6.62 -21.54
C SER C 13 -20.53 6.89 -21.68
N ALA C 14 -20.94 8.17 -21.77
CA ALA C 14 -22.34 8.49 -21.95
C ALA C 14 -22.89 7.98 -23.29
N GLN C 15 -22.07 8.07 -24.35
CA GLN C 15 -22.49 7.49 -25.62
C GLN C 15 -22.66 5.98 -25.50
N ILE C 16 -21.80 5.33 -24.72
CA ILE C 16 -21.90 3.87 -24.55
C ILE C 16 -23.17 3.50 -23.78
N ARG C 17 -23.45 4.20 -22.66
CA ARG C 17 -24.64 3.86 -21.87
C ARG C 17 -25.93 4.13 -22.64
N ALA C 18 -25.97 5.23 -23.41
CA ALA C 18 -27.12 5.49 -24.28
C ALA C 18 -27.35 4.33 -25.24
N ARG C 19 -26.28 3.86 -25.88
CA ARG C 19 -26.40 2.72 -26.78
C ARG C 19 -26.92 1.49 -26.04
N LEU C 20 -26.35 1.19 -24.87
CA LEU C 20 -26.79 0.03 -24.10
C LEU C 20 -28.23 0.20 -23.64
N LYS C 21 -28.62 1.43 -23.27
CA LYS C 21 -30.00 1.69 -22.86
C LYS C 21 -30.98 1.28 -23.94
N ASN C 22 -30.75 1.75 -25.18
CA ASN C 22 -31.66 1.46 -26.28
C ASN C 22 -31.74 -0.04 -26.56
N GLN C 23 -30.61 -0.73 -26.50
CA GLN C 23 -30.62 -2.15 -26.82
C GLN C 23 -31.08 -3.04 -25.66
N VAL C 24 -31.15 -2.51 -24.44
CA VAL C 24 -31.85 -3.21 -23.36
C VAL C 24 -33.35 -2.89 -23.43
N THR C 25 -33.73 -1.68 -23.87
CA THR C 25 -35.13 -1.37 -24.10
C THR C 25 -35.72 -2.24 -25.21
N GLN C 26 -34.91 -2.56 -26.24
CA GLN C 26 -35.38 -3.46 -27.30
C GLN C 26 -35.47 -4.90 -26.81
N LEU C 27 -34.51 -5.34 -26.01
CA LEU C 27 -34.53 -6.71 -25.49
C LEU C 27 -35.78 -6.96 -24.65
N LYS C 28 -36.17 -5.98 -23.83
CA LYS C 28 -37.34 -6.12 -22.97
C LYS C 28 -38.64 -6.14 -23.77
N GLU C 29 -38.62 -5.67 -25.02
CA GLU C 29 -39.75 -5.81 -25.92
C GLU C 29 -39.70 -7.14 -26.67
N GLN C 30 -38.54 -7.50 -27.20
CA GLN C 30 -38.42 -8.73 -27.99
C GLN C 30 -38.71 -9.97 -27.15
N VAL C 31 -38.26 -9.99 -25.91
CA VAL C 31 -38.51 -11.11 -25.00
C VAL C 31 -39.19 -10.57 -23.74
N PRO C 32 -40.53 -10.48 -23.72
CA PRO C 32 -41.21 -9.79 -22.62
C PRO C 32 -40.97 -10.48 -21.28
N GLY C 33 -40.93 -9.67 -20.22
CA GLY C 33 -40.67 -10.17 -18.88
C GLY C 33 -39.22 -10.47 -18.57
N PHE C 34 -38.30 -10.22 -19.51
CA PHE C 34 -36.88 -10.51 -19.32
C PHE C 34 -36.16 -9.25 -18.88
N THR C 35 -35.32 -9.37 -17.87
CA THR C 35 -34.51 -8.23 -17.48
C THR C 35 -33.06 -8.66 -17.24
N PRO C 36 -32.10 -8.04 -17.92
CA PRO C 36 -30.69 -8.34 -17.63
C PRO C 36 -30.39 -7.98 -16.19
N ARG C 37 -29.64 -8.83 -15.51
CA ARG C 37 -29.50 -8.68 -14.07
C ARG C 37 -28.08 -8.93 -13.59
N LEU C 38 -27.55 -7.99 -12.83
CA LEU C 38 -26.20 -8.00 -12.28
C LEU C 38 -26.30 -8.03 -10.75
N ALA C 39 -25.46 -8.82 -10.11
CA ALA C 39 -25.37 -8.76 -8.66
C ALA C 39 -23.98 -8.28 -8.26
N ILE C 40 -23.89 -7.46 -7.22
CA ILE C 40 -22.59 -7.04 -6.69
C ILE C 40 -22.48 -7.54 -5.27
N LEU C 41 -21.47 -8.34 -5.00
CA LEU C 41 -21.25 -8.85 -3.65
C LEU C 41 -20.19 -8.02 -2.95
N GLN C 42 -20.52 -7.52 -1.76
CA GLN C 42 -19.63 -6.69 -0.96
C GLN C 42 -19.46 -7.31 0.41
N VAL C 43 -18.21 -7.40 0.87
CA VAL C 43 -17.90 -7.80 2.24
C VAL C 43 -17.33 -6.58 2.95
N GLY C 44 -17.98 -6.17 4.04
CA GLY C 44 -17.52 -5.01 4.78
C GLY C 44 -18.21 -3.73 4.35
N ASN C 45 -17.60 -2.61 4.75
CA ASN C 45 -18.20 -1.31 4.50
C ASN C 45 -17.14 -0.24 4.19
N ARG C 46 -16.17 -0.57 3.33
CA ARG C 46 -15.18 0.43 2.94
C ARG C 46 -15.85 1.59 2.22
N ASP C 47 -15.41 2.81 2.54
CA ASP C 47 -16.02 4.00 1.96
C ASP C 47 -15.79 4.11 0.45
N ASP C 48 -14.58 3.79 -0.05
CA ASP C 48 -14.39 3.87 -1.50
C ASP C 48 -15.22 2.81 -2.22
N SER C 49 -15.31 1.60 -1.64
CA SER C 49 -16.13 0.55 -2.21
C SER C 49 -17.62 0.92 -2.23
N ASN C 50 -18.09 1.64 -1.21
CA ASN C 50 -19.48 2.09 -1.22
C ASN C 50 -19.74 3.06 -2.35
N LEU C 51 -18.78 3.93 -2.66
CA LEU C 51 -18.97 4.88 -3.75
C LEU C 51 -19.00 4.17 -5.11
N TYR C 52 -17.99 3.33 -5.40
CA TYR C 52 -17.94 2.69 -6.71
C TYR C 52 -19.13 1.77 -6.94
N ILE C 53 -19.59 1.07 -5.90
CA ILE C 53 -20.79 0.24 -6.02
C ILE C 53 -21.99 1.10 -6.37
N ASN C 54 -22.17 2.21 -5.65
CA ASN C 54 -23.30 3.08 -5.93
C ASN C 54 -23.23 3.65 -7.33
N VAL C 55 -22.02 4.02 -7.77
CA VAL C 55 -21.86 4.52 -9.13
C VAL C 55 -22.24 3.45 -10.16
N LYS C 56 -21.91 2.18 -9.86
CA LYS C 56 -22.28 1.06 -10.74
C LYS C 56 -23.80 0.83 -10.75
N LEU C 57 -24.43 0.85 -9.57
CA LEU C 57 -25.87 0.67 -9.48
C LEU C 57 -26.63 1.76 -10.22
N LYS C 58 -26.18 3.00 -10.10
CA LYS C 58 -26.82 4.10 -10.82
C LYS C 58 -26.72 3.91 -12.32
N ALA C 59 -25.56 3.47 -12.81
CA ALA C 59 -25.43 3.23 -14.25
C ALA C 59 -26.36 2.12 -14.69
N ALA C 60 -26.43 1.05 -13.90
CA ALA C 60 -27.31 -0.06 -14.25
C ALA C 60 -28.74 0.42 -14.36
N GLU C 61 -29.20 1.17 -13.35
CA GLU C 61 -30.58 1.68 -13.32
C GLU C 61 -30.88 2.55 -14.53
N GLU C 62 -29.96 3.43 -14.91
CA GLU C 62 -30.19 4.28 -16.08
C GLU C 62 -30.38 3.44 -17.34
N ILE C 63 -29.58 2.39 -17.50
CA ILE C 63 -29.64 1.56 -18.72
C ILE C 63 -30.87 0.64 -18.73
N GLY C 64 -31.40 0.28 -17.58
CA GLY C 64 -32.43 -0.74 -17.51
C GLY C 64 -31.98 -2.11 -17.02
N ILE C 65 -30.81 -2.20 -16.40
CA ILE C 65 -30.32 -3.43 -15.81
C ILE C 65 -30.79 -3.48 -14.37
N LYS C 66 -31.33 -4.63 -13.95
CA LYS C 66 -31.60 -4.86 -12.54
C LYS C 66 -30.28 -5.18 -11.85
N ALA C 67 -29.87 -4.34 -10.90
CA ALA C 67 -28.62 -4.54 -10.17
C ALA C 67 -28.90 -4.70 -8.68
N THR C 68 -28.37 -5.78 -8.10
CA THR C 68 -28.64 -6.18 -6.72
C THR C 68 -27.35 -6.05 -5.92
N HIS C 69 -27.33 -5.12 -4.96
CA HIS C 69 -26.23 -4.96 -4.03
C HIS C 69 -26.46 -5.88 -2.84
N ILE C 70 -25.58 -6.84 -2.64
CA ILE C 70 -25.60 -7.71 -1.47
C ILE C 70 -24.42 -7.33 -0.60
N LYS C 71 -24.68 -6.78 0.59
CA LYS C 71 -23.62 -6.32 1.47
C LYS C 71 -23.60 -7.16 2.74
N LEU C 72 -22.63 -7.92 2.88
CA LEU C 72 -22.42 -8.74 4.07
C LEU C 72 -21.58 -8.00 5.10
N PRO C 73 -21.86 -8.18 6.39
CA PRO C 73 -21.10 -7.48 7.42
C PRO C 73 -19.67 -8.00 7.50
N ARG C 74 -18.79 -7.16 8.09
CA ARG C 74 -17.37 -7.51 8.20
C ARG C 74 -17.12 -8.75 9.05
N THR C 75 -18.12 -9.17 9.83
CA THR C 75 -18.04 -10.40 10.61
C THR C 75 -18.18 -11.66 9.76
N THR C 76 -18.49 -11.53 8.47
CA THR C 76 -18.72 -12.69 7.62
C THR C 76 -17.49 -13.58 7.54
N THR C 77 -17.73 -14.89 7.47
CA THR C 77 -16.66 -15.88 7.30
C THR C 77 -16.52 -16.28 5.84
N GLU C 78 -15.40 -16.95 5.53
CA GLU C 78 -15.15 -17.42 4.18
C GLU C 78 -16.22 -18.39 3.72
N SER C 79 -16.54 -19.40 4.55
CA SER C 79 -17.54 -20.39 4.14
C SER C 79 -18.90 -19.75 3.92
N GLU C 80 -19.19 -18.66 4.62
CA GLU C 80 -20.46 -17.96 4.41
C GLU C 80 -20.48 -17.18 3.10
N VAL C 81 -19.37 -16.51 2.76
CA VAL C 81 -19.27 -15.90 1.44
C VAL C 81 -19.42 -16.96 0.36
N MET C 82 -18.74 -18.10 0.52
CA MET C 82 -18.81 -19.18 -0.47
C MET C 82 -20.24 -19.67 -0.68
N LYS C 83 -21.09 -19.60 0.35
CA LYS C 83 -22.48 -19.99 0.17
C LYS C 83 -23.22 -19.00 -0.74
N TYR C 84 -22.93 -17.71 -0.57
CA TYR C 84 -23.54 -16.71 -1.44
C TYR C 84 -23.10 -16.86 -2.89
N ILE C 85 -21.83 -17.16 -3.10
CA ILE C 85 -21.34 -17.23 -4.47
C ILE C 85 -21.95 -18.43 -5.17
N THR C 86 -21.96 -19.58 -4.50
CA THR C 86 -22.71 -20.74 -4.98
C THR C 86 -24.16 -20.35 -5.29
N SER C 87 -24.77 -19.57 -4.40
CA SER C 87 -26.17 -19.17 -4.62
C SER C 87 -26.32 -18.32 -5.88
N LEU C 88 -25.38 -17.40 -6.13
CA LEU C 88 -25.47 -16.60 -7.35
C LEU C 88 -25.10 -17.40 -8.59
N ASN C 89 -24.17 -18.35 -8.47
CA ASN C 89 -23.88 -19.24 -9.59
C ASN C 89 -25.13 -19.98 -10.05
N GLU C 90 -25.99 -20.37 -9.12
CA GLU C 90 -27.11 -21.25 -9.44
C GLU C 90 -28.43 -20.51 -9.67
N ASP C 91 -28.47 -19.20 -9.42
CA ASP C 91 -29.67 -18.39 -9.64
C ASP C 91 -29.71 -17.98 -11.11
N SER C 92 -30.59 -18.63 -11.88
CA SER C 92 -30.61 -18.37 -13.32
C SER C 92 -31.16 -17.00 -13.67
N THR C 93 -31.74 -16.26 -12.73
CA THR C 93 -32.14 -14.89 -13.05
C THR C 93 -30.98 -13.90 -12.94
N VAL C 94 -29.82 -14.33 -12.43
CA VAL C 94 -28.61 -13.52 -12.31
C VAL C 94 -27.68 -13.90 -13.46
N HIS C 95 -27.46 -12.96 -14.39
CA HIS C 95 -26.65 -13.24 -15.55
C HIS C 95 -25.18 -12.90 -15.34
N GLY C 96 -24.87 -11.92 -14.51
CA GLY C 96 -23.49 -11.64 -14.15
C GLY C 96 -23.40 -11.17 -12.71
N PHE C 97 -22.26 -11.44 -12.09
CA PHE C 97 -22.05 -10.87 -10.77
C PHE C 97 -20.56 -10.72 -10.52
N LEU C 98 -20.24 -9.87 -9.56
CA LEU C 98 -18.86 -9.60 -9.20
C LEU C 98 -18.77 -9.40 -7.70
N VAL C 99 -17.56 -9.60 -7.18
CA VAL C 99 -17.22 -9.33 -5.79
C VAL C 99 -16.37 -8.07 -5.78
N GLN C 100 -16.84 -7.00 -5.13
CA GLN C 100 -16.09 -5.76 -5.08
C GLN C 100 -14.83 -5.98 -4.24
N LEU C 101 -13.67 -5.61 -4.80
CA LEU C 101 -12.41 -5.85 -4.08
C LEU C 101 -11.80 -4.53 -3.62
N PRO C 102 -11.05 -4.54 -2.50
CA PRO C 102 -10.72 -5.67 -1.62
C PRO C 102 -11.83 -6.01 -0.64
N LEU C 103 -11.87 -7.26 -0.19
CA LEU C 103 -12.78 -7.65 0.89
C LEU C 103 -12.33 -7.01 2.20
N ASP C 104 -13.29 -6.50 2.96
CA ASP C 104 -13.02 -5.84 4.23
C ASP C 104 -13.74 -6.65 5.31
N SER C 105 -13.01 -7.60 5.89
CA SER C 105 -13.56 -8.51 6.88
C SER C 105 -12.68 -8.49 8.13
N GLU C 106 -13.32 -8.71 9.29
CA GLU C 106 -12.54 -8.98 10.49
C GLU C 106 -11.74 -10.27 10.32
N ASN C 107 -12.36 -11.29 9.73
CA ASN C 107 -11.71 -12.58 9.52
C ASN C 107 -10.96 -12.57 8.20
N SER C 108 -9.82 -13.28 8.18
CA SER C 108 -9.08 -13.47 6.94
C SER C 108 -9.89 -14.36 6.00
N ILE C 109 -10.08 -13.88 4.79
CA ILE C 109 -10.82 -14.61 3.76
C ILE C 109 -9.91 -14.74 2.56
N ASN C 110 -9.76 -15.97 2.06
CA ASN C 110 -8.89 -16.25 0.93
C ASN C 110 -9.54 -15.72 -0.33
N THR C 111 -9.08 -14.55 -0.78
CA THR C 111 -9.69 -13.83 -1.88
C THR C 111 -9.65 -14.64 -3.17
N GLU C 112 -8.52 -15.31 -3.44
CA GLU C 112 -8.43 -16.12 -4.65
C GLU C 112 -9.43 -17.25 -4.63
N GLU C 113 -9.61 -17.89 -3.46
CA GLU C 113 -10.59 -18.96 -3.35
C GLU C 113 -11.98 -18.44 -3.67
N VAL C 114 -12.32 -17.28 -3.10
CA VAL C 114 -13.64 -16.70 -3.31
C VAL C 114 -13.84 -16.33 -4.78
N ILE C 115 -12.86 -15.64 -5.37
CA ILE C 115 -13.02 -15.13 -6.71
C ILE C 115 -13.15 -16.29 -7.69
N ASN C 116 -12.32 -17.30 -7.56
CA ASN C 116 -12.30 -18.39 -8.52
C ASN C 116 -13.46 -19.34 -8.34
N ALA C 117 -14.30 -19.14 -7.32
CA ALA C 117 -15.54 -19.90 -7.21
C ALA C 117 -16.65 -19.32 -8.09
N ILE C 118 -16.45 -18.13 -8.65
CA ILE C 118 -17.44 -17.50 -9.50
C ILE C 118 -17.51 -18.25 -10.83
N ALA C 119 -18.72 -18.57 -11.28
CA ALA C 119 -18.86 -19.23 -12.57
C ALA C 119 -18.30 -18.33 -13.67
N PRO C 120 -17.39 -18.83 -14.52
CA PRO C 120 -16.79 -17.97 -15.55
C PRO C 120 -17.80 -17.35 -16.50
N GLU C 121 -18.93 -17.97 -16.77
CA GLU C 121 -19.85 -17.30 -17.67
C GLU C 121 -20.67 -16.23 -16.98
N LYS C 122 -20.56 -16.10 -15.66
CA LYS C 122 -21.12 -14.94 -14.96
C LYS C 122 -20.08 -13.95 -14.48
N ASP C 123 -18.79 -14.18 -14.79
CA ASP C 123 -17.67 -13.43 -14.25
C ASP C 123 -17.46 -12.15 -15.07
N VAL C 124 -18.42 -11.22 -14.97
CA VAL C 124 -18.39 -10.04 -15.81
C VAL C 124 -17.23 -9.10 -15.46
N ASP C 125 -16.62 -9.25 -14.28
CA ASP C 125 -15.40 -8.51 -13.95
C ASP C 125 -14.14 -9.16 -14.51
N GLY C 126 -14.22 -10.35 -15.09
CA GLY C 126 -13.03 -10.99 -15.64
C GLY C 126 -11.98 -11.42 -14.64
N LEU C 127 -12.37 -11.71 -13.40
CA LEU C 127 -11.38 -11.91 -12.34
C LEU C 127 -11.05 -13.38 -12.07
N THR C 128 -11.82 -14.34 -12.57
CA THR C 128 -11.46 -15.74 -12.38
C THR C 128 -10.19 -16.08 -13.15
N SER C 129 -9.45 -17.05 -12.63
CA SER C 129 -8.22 -17.50 -13.29
C SER C 129 -8.51 -18.07 -14.67
N ILE C 130 -9.70 -18.64 -14.86
CA ILE C 130 -10.13 -19.16 -16.15
C ILE C 130 -10.21 -18.03 -17.18
N ASN C 131 -10.92 -16.94 -16.83
CA ASN C 131 -11.03 -15.86 -17.79
C ASN C 131 -9.70 -15.16 -17.99
N ALA C 132 -8.91 -15.05 -16.93
CA ALA C 132 -7.59 -14.45 -17.06
C ALA C 132 -6.69 -15.32 -17.94
N GLY C 133 -6.78 -16.64 -17.81
CA GLY C 133 -5.95 -17.53 -18.63
C GLY C 133 -6.28 -17.48 -20.11
N ARG C 134 -7.58 -17.37 -20.45
CA ARG C 134 -7.97 -17.20 -21.84
C ARG C 134 -7.47 -15.86 -22.40
N LEU C 135 -7.69 -14.77 -21.66
CA LEU C 135 -7.18 -13.48 -22.10
C LEU C 135 -5.67 -13.52 -22.27
N ALA C 136 -4.97 -14.09 -21.31
CA ALA C 136 -3.50 -14.01 -21.30
C ALA C 136 -2.87 -14.84 -22.40
N ARG C 137 -3.62 -15.79 -22.96
CA ARG C 137 -3.13 -16.59 -24.07
C ARG C 137 -3.79 -16.20 -25.37
N GLY C 138 -4.52 -15.10 -25.40
CA GLY C 138 -5.00 -14.54 -26.64
C GLY C 138 -6.35 -15.03 -27.10
N ASP C 139 -7.04 -15.86 -26.32
CA ASP C 139 -8.38 -16.37 -26.65
C ASP C 139 -9.45 -15.40 -26.16
N LEU C 140 -9.65 -14.30 -26.91
CA LEU C 140 -10.36 -13.14 -26.39
C LEU C 140 -11.87 -13.19 -26.53
N ASN C 141 -12.40 -14.04 -27.41
CA ASN C 141 -13.84 -14.11 -27.64
C ASN C 141 -14.54 -15.14 -26.76
N ASP C 142 -13.79 -15.93 -26.02
CA ASP C 142 -14.37 -16.87 -25.07
C ASP C 142 -14.24 -16.39 -23.62
N CYS C 143 -14.11 -15.07 -23.39
CA CYS C 143 -13.80 -14.65 -22.03
C CYS C 143 -14.34 -13.25 -21.73
N PHE C 144 -14.51 -12.98 -20.44
CA PHE C 144 -14.80 -11.65 -19.98
C PHE C 144 -13.48 -10.94 -19.70
N ILE C 145 -13.30 -9.77 -20.30
CA ILE C 145 -12.10 -8.96 -20.10
C ILE C 145 -12.34 -7.98 -18.95
N PRO C 146 -11.40 -7.83 -18.00
CA PRO C 146 -11.57 -6.84 -16.92
C PRO C 146 -11.99 -5.46 -17.43
N CYS C 147 -12.86 -4.82 -16.66
CA CYS C 147 -13.59 -3.64 -17.13
C CYS C 147 -12.67 -2.43 -17.32
N THR C 148 -11.71 -2.21 -16.42
CA THR C 148 -10.81 -1.07 -16.62
C THR C 148 -9.95 -1.23 -17.87
N PRO C 149 -9.28 -2.38 -18.11
CA PRO C 149 -8.60 -2.54 -19.41
C PRO C 149 -9.52 -2.41 -20.64
N LYS C 150 -10.76 -2.94 -20.58
CA LYS C 150 -11.73 -2.70 -21.66
C LYS C 150 -11.94 -1.21 -21.90
N GLY C 151 -12.17 -0.45 -20.83
CA GLY C 151 -12.38 0.98 -21.02
C GLY C 151 -11.15 1.67 -21.56
N CYS C 152 -9.97 1.25 -21.11
CA CYS C 152 -8.73 1.84 -21.60
C CYS C 152 -8.57 1.61 -23.11
N LEU C 153 -8.84 0.38 -23.57
CA LEU C 153 -8.71 0.08 -24.99
C LEU C 153 -9.64 0.95 -25.81
N GLU C 154 -10.88 1.12 -25.34
CA GLU C 154 -11.82 1.99 -26.05
C GLU C 154 -11.32 3.42 -26.11
N LEU C 155 -10.78 3.93 -25.00
CA LEU C 155 -10.19 5.27 -25.01
C LEU C 155 -9.03 5.37 -25.98
N ILE C 156 -8.19 4.34 -26.05
CA ILE C 156 -7.08 4.34 -27.01
C ILE C 156 -7.60 4.39 -28.44
N LYS C 157 -8.57 3.53 -28.77
CA LYS C 157 -9.12 3.51 -30.11
C LYS C 157 -9.82 4.81 -30.46
N GLU C 158 -10.35 5.51 -29.47
CA GLU C 158 -10.93 6.82 -29.75
C GLU C 158 -9.92 7.76 -30.41
N THR C 159 -8.61 7.57 -30.17
CA THR C 159 -7.64 8.46 -30.78
C THR C 159 -7.61 8.33 -32.29
N GLY C 160 -8.12 7.24 -32.86
CA GLY C 160 -7.97 6.97 -34.28
C GLY C 160 -6.60 6.49 -34.69
N VAL C 161 -5.72 6.26 -33.74
CA VAL C 161 -4.33 5.88 -34.02
C VAL C 161 -4.24 4.36 -33.91
N PRO C 162 -3.84 3.66 -34.97
CA PRO C 162 -3.72 2.20 -34.89
C PRO C 162 -2.76 1.77 -33.79
N ILE C 163 -3.12 0.67 -33.13
CA ILE C 163 -2.30 0.09 -32.07
C ILE C 163 -1.22 -0.82 -32.64
N ALA C 164 -1.51 -1.53 -33.73
CA ALA C 164 -0.58 -2.51 -34.25
C ALA C 164 0.75 -1.85 -34.59
N GLY C 165 1.84 -2.49 -34.18
CA GLY C 165 3.16 -1.97 -34.44
C GLY C 165 3.73 -1.07 -33.38
N ARG C 166 2.90 -0.30 -32.64
CA ARG C 166 3.39 0.65 -31.65
C ARG C 166 4.00 -0.06 -30.43
N HIS C 167 4.84 0.68 -29.70
CA HIS C 167 5.40 0.19 -28.45
C HIS C 167 4.56 0.74 -27.32
N ALA C 168 3.98 -0.15 -26.52
CA ALA C 168 3.12 0.24 -25.40
C ALA C 168 3.85 -0.06 -24.11
N VAL C 169 3.69 0.84 -23.14
CA VAL C 169 4.27 0.64 -21.81
C VAL C 169 3.14 0.63 -20.80
N VAL C 170 3.10 -0.41 -19.99
CA VAL C 170 2.13 -0.50 -18.92
C VAL C 170 2.90 -0.40 -17.63
N VAL C 171 2.54 0.59 -16.81
CA VAL C 171 3.12 0.76 -15.49
C VAL C 171 2.13 0.21 -14.47
N GLY C 172 2.48 -0.90 -13.85
CA GLY C 172 1.55 -1.61 -13.00
C GLY C 172 1.24 -3.00 -13.54
N ARG C 173 1.16 -3.99 -12.65
CA ARG C 173 0.87 -5.34 -13.09
C ARG C 173 -0.18 -6.03 -12.22
N SER C 174 -1.14 -5.27 -11.69
CA SER C 174 -2.16 -5.85 -10.82
C SER C 174 -3.15 -6.75 -11.59
N LYS C 175 -3.80 -7.62 -10.82
CA LYS C 175 -4.78 -8.57 -11.37
C LYS C 175 -5.96 -7.86 -12.02
N ILE C 176 -6.39 -6.74 -11.45
CA ILE C 176 -7.59 -6.04 -11.91
C ILE C 176 -7.27 -5.12 -13.09
N VAL C 177 -6.06 -4.56 -13.15
CA VAL C 177 -5.80 -3.54 -14.18
C VAL C 177 -4.56 -3.84 -14.99
N GLY C 178 -3.39 -3.84 -14.33
CA GLY C 178 -2.14 -3.80 -15.07
C GLY C 178 -1.87 -5.05 -15.91
N ALA C 179 -1.98 -6.24 -15.30
CA ALA C 179 -1.69 -7.45 -16.08
C ALA C 179 -2.70 -7.68 -17.20
N PRO C 180 -4.03 -7.62 -16.99
CA PRO C 180 -4.94 -7.73 -18.15
C PRO C 180 -4.75 -6.60 -19.15
N MET C 181 -4.31 -5.40 -18.74
CA MET C 181 -4.03 -4.37 -19.73
C MET C 181 -2.89 -4.77 -20.66
N HIS C 182 -1.86 -5.41 -20.11
CA HIS C 182 -0.77 -5.86 -20.96
C HIS C 182 -1.28 -6.86 -22.00
N ASP C 183 -2.11 -7.80 -21.56
CA ASP C 183 -2.62 -8.82 -22.48
C ASP C 183 -3.44 -8.21 -23.60
N LEU C 184 -4.31 -7.26 -23.26
CA LEU C 184 -5.19 -6.64 -24.23
C LEU C 184 -4.40 -5.86 -25.29
N LEU C 185 -3.38 -5.11 -24.87
CA LEU C 185 -2.53 -4.43 -25.83
C LEU C 185 -1.77 -5.43 -26.68
N LEU C 186 -1.25 -6.48 -26.05
CA LEU C 186 -0.47 -7.46 -26.78
C LEU C 186 -1.30 -8.12 -27.88
N TRP C 187 -2.53 -8.53 -27.58
CA TRP C 187 -3.29 -9.23 -28.62
C TRP C 187 -3.93 -8.26 -29.60
N ASN C 188 -3.87 -6.97 -29.33
CA ASN C 188 -4.07 -5.95 -30.34
C ASN C 188 -2.78 -5.59 -31.09
N ASN C 189 -1.70 -6.36 -30.87
CA ASN C 189 -0.46 -6.34 -31.66
C ASN C 189 0.43 -5.12 -31.41
N ALA C 190 0.31 -4.49 -30.24
CA ALA C 190 1.38 -3.64 -29.75
C ALA C 190 2.55 -4.51 -29.31
N THR C 191 3.75 -3.96 -29.37
CA THR C 191 4.88 -4.49 -28.62
C THR C 191 4.75 -3.89 -27.23
N VAL C 192 4.83 -4.71 -26.18
CA VAL C 192 4.41 -4.25 -24.85
C VAL C 192 5.53 -4.47 -23.84
N THR C 193 5.87 -3.41 -23.11
CA THR C 193 6.76 -3.47 -21.94
C THR C 193 5.96 -3.29 -20.66
N THR C 194 6.13 -4.21 -19.71
CA THR C 194 5.47 -4.08 -18.42
C THR C 194 6.46 -3.65 -17.34
N CYS C 195 6.10 -2.57 -16.63
CA CYS C 195 6.86 -2.02 -15.52
C CYS C 195 6.13 -2.26 -14.20
N HIS C 196 6.87 -2.16 -13.10
CA HIS C 196 6.36 -2.40 -11.77
C HIS C 196 7.33 -1.77 -10.78
N SER C 197 7.19 -2.11 -9.50
CA SER C 197 7.93 -1.41 -8.47
C SER C 197 9.41 -1.83 -8.42
N LYS C 198 9.83 -2.85 -9.15
CA LYS C 198 11.24 -3.25 -9.17
C LYS C 198 11.91 -2.91 -10.49
N THR C 199 11.25 -2.15 -11.34
CA THR C 199 11.83 -1.66 -12.56
C THR C 199 12.86 -0.57 -12.25
N ALA C 200 14.05 -0.71 -12.81
CA ALA C 200 15.06 0.35 -12.77
C ALA C 200 14.83 1.27 -13.95
N HIS C 201 15.20 2.53 -13.76
CA HIS C 201 15.09 3.55 -14.81
C HIS C 201 13.68 3.60 -15.36
N LEU C 202 12.70 3.63 -14.46
CA LEU C 202 11.30 3.76 -14.87
C LEU C 202 11.11 4.91 -15.84
N ASP C 203 11.83 6.03 -15.62
CA ASP C 203 11.71 7.19 -16.51
C ASP C 203 12.14 6.85 -17.94
N GLU C 204 13.22 6.09 -18.10
CA GLU C 204 13.62 5.67 -19.45
C GLU C 204 12.64 4.66 -20.05
N GLU C 205 12.11 3.73 -19.23
CA GLU C 205 11.16 2.76 -19.78
C GLU C 205 9.89 3.46 -20.23
N VAL C 206 9.41 4.42 -19.43
CA VAL C 206 8.22 5.17 -19.79
C VAL C 206 8.42 5.91 -21.10
N ASN C 207 9.64 6.42 -21.31
CA ASN C 207 9.92 7.24 -22.48
C ASN C 207 9.81 6.45 -23.78
N LYS C 208 9.77 5.10 -23.70
CA LYS C 208 9.57 4.23 -24.86
C LYS C 208 8.12 4.13 -25.33
N GLY C 209 7.16 4.61 -24.56
CA GLY C 209 5.76 4.29 -24.84
C GLY C 209 5.04 5.22 -25.81
N ASP C 210 4.86 4.78 -27.07
CA ASP C 210 3.87 5.41 -27.95
C ASP C 210 2.49 5.35 -27.34
N ILE C 211 2.22 4.30 -26.58
CA ILE C 211 1.01 4.14 -25.79
C ILE C 211 1.50 3.93 -24.36
N LEU C 212 0.91 4.67 -23.42
CA LEU C 212 1.27 4.61 -22.01
C LEU C 212 0.01 4.41 -21.19
N VAL C 213 -0.06 3.33 -20.43
CA VAL C 213 -1.14 3.09 -19.49
C VAL C 213 -0.51 2.99 -18.11
N VAL C 214 -0.95 3.84 -17.19
CA VAL C 214 -0.40 3.91 -15.84
C VAL C 214 -1.45 3.45 -14.84
N ALA C 215 -1.10 2.44 -14.05
CA ALA C 215 -2.03 2.02 -12.98
C ALA C 215 -1.23 1.57 -11.76
N THR C 216 -0.78 2.56 -10.98
CA THR C 216 0.12 2.35 -9.86
C THR C 216 -0.51 2.72 -8.53
N GLY C 217 -1.50 3.61 -8.52
CA GLY C 217 -2.01 4.09 -7.25
C GLY C 217 -1.03 4.95 -6.50
N GLN C 218 -0.13 5.64 -7.21
CA GLN C 218 0.85 6.54 -6.60
C GLN C 218 0.64 7.90 -7.24
N PRO C 219 0.16 8.89 -6.49
CA PRO C 219 -0.40 10.11 -7.12
C PRO C 219 0.66 10.90 -7.89
N GLU C 220 0.42 11.03 -9.19
CA GLU C 220 1.26 11.79 -10.11
C GLU C 220 2.73 11.37 -10.01
N MET C 221 2.99 10.09 -9.76
CA MET C 221 4.38 9.64 -9.71
C MET C 221 5.03 9.65 -11.07
N VAL C 222 4.25 9.44 -12.13
CA VAL C 222 4.79 9.39 -13.49
C VAL C 222 4.94 10.82 -14.00
N LYS C 223 6.18 11.31 -14.04
CA LYS C 223 6.42 12.72 -14.36
C LYS C 223 6.14 13.00 -15.84
N GLY C 224 5.67 14.22 -16.10
CA GLY C 224 5.43 14.61 -17.48
C GLY C 224 6.69 14.64 -18.32
N GLU C 225 7.82 14.96 -17.71
CA GLU C 225 9.09 14.99 -18.44
C GLU C 225 9.44 13.62 -19.00
N TRP C 226 8.90 12.54 -18.42
CA TRP C 226 9.23 11.19 -18.84
C TRP C 226 8.49 10.78 -20.11
N ILE C 227 7.39 11.45 -20.42
CA ILE C 227 6.46 11.01 -21.45
C ILE C 227 7.11 11.13 -22.82
N LYS C 228 7.02 10.08 -23.62
CA LYS C 228 7.50 10.18 -24.99
C LYS C 228 6.68 11.22 -25.73
N PRO C 229 7.32 12.17 -26.41
CA PRO C 229 6.57 13.17 -27.17
C PRO C 229 5.67 12.50 -28.22
N GLY C 230 4.43 12.97 -28.30
CA GLY C 230 3.42 12.41 -29.17
C GLY C 230 2.62 11.24 -28.62
N ALA C 231 2.90 10.79 -27.39
CA ALA C 231 2.34 9.56 -26.87
C ALA C 231 0.86 9.70 -26.55
N ILE C 232 0.16 8.56 -26.53
CA ILE C 232 -1.18 8.47 -25.99
C ILE C 232 -1.05 8.04 -24.53
N VAL C 233 -1.59 8.84 -23.61
CA VAL C 233 -1.38 8.64 -22.18
C VAL C 233 -2.70 8.30 -21.52
N ILE C 234 -2.80 7.11 -20.95
CA ILE C 234 -4.02 6.65 -20.28
C ILE C 234 -3.72 6.55 -18.79
N ASP C 235 -4.46 7.30 -17.98
CA ASP C 235 -4.19 7.40 -16.55
C ASP C 235 -5.31 6.71 -15.79
N CYS C 236 -5.03 5.54 -15.23
CA CYS C 236 -6.03 4.80 -14.46
C CYS C 236 -6.10 5.23 -12.98
N GLY C 237 -5.24 6.14 -12.53
CA GLY C 237 -5.16 6.43 -11.11
C GLY C 237 -6.40 7.16 -10.61
N ILE C 238 -6.87 6.75 -9.42
CA ILE C 238 -7.89 7.48 -8.65
C ILE C 238 -7.33 7.57 -7.23
N ASN C 239 -6.64 8.67 -6.92
CA ASN C 239 -5.97 8.81 -5.63
C ASN C 239 -6.63 9.95 -4.88
N TYR C 240 -7.00 9.70 -3.63
CA TYR C 240 -7.64 10.69 -2.77
C TYR C 240 -6.54 11.27 -1.88
N VAL C 241 -6.12 12.48 -2.20
CA VAL C 241 -5.04 13.11 -1.45
C VAL C 241 -5.68 14.12 -0.51
N PRO C 242 -5.24 14.18 0.75
CA PRO C 242 -5.81 15.16 1.68
C PRO C 242 -5.67 16.57 1.13
N ASP C 243 -6.73 17.35 1.35
CA ASP C 243 -6.81 18.69 0.78
C ASP C 243 -7.72 19.48 1.70
N ASP C 244 -7.13 20.33 2.55
CA ASP C 244 -7.89 21.10 3.52
C ASP C 244 -8.67 22.25 2.89
N LYS C 245 -8.44 22.54 1.62
CA LYS C 245 -9.21 23.51 0.86
C LYS C 245 -10.44 22.90 0.19
N LYS C 246 -10.77 21.64 0.49
CA LYS C 246 -11.91 20.97 -0.12
C LYS C 246 -12.75 20.23 0.91
N GLY C 249 -13.13 16.20 2.59
CA GLY C 249 -11.99 17.10 2.46
C GLY C 249 -10.78 16.47 1.76
N ARG C 250 -10.90 16.27 0.44
CA ARG C 250 -9.78 15.80 -0.36
C ARG C 250 -10.05 16.11 -1.83
N LYS C 251 -9.09 15.76 -2.68
CA LYS C 251 -9.27 15.83 -4.12
C LYS C 251 -8.73 14.57 -4.78
N VAL C 252 -9.18 14.33 -6.01
CA VAL C 252 -8.83 13.15 -6.78
C VAL C 252 -7.71 13.51 -7.75
N VAL C 253 -6.60 12.76 -7.72
CA VAL C 253 -5.55 12.96 -8.71
C VAL C 253 -5.17 11.61 -9.29
N GLY C 254 -4.60 11.66 -10.51
CA GLY C 254 -4.14 10.49 -11.23
C GLY C 254 -2.77 10.03 -10.82
N ASP C 255 -2.33 8.95 -11.49
CA ASP C 255 -0.97 8.46 -11.38
C ASP C 255 0.00 9.20 -12.29
N VAL C 256 -0.50 10.10 -13.14
CA VAL C 256 0.33 10.84 -14.08
C VAL C 256 0.29 12.33 -13.72
N ALA C 257 1.46 12.98 -13.69
CA ALA C 257 1.51 14.43 -13.46
C ALA C 257 0.93 15.11 -14.69
N TYR C 258 -0.38 15.37 -14.65
CA TYR C 258 -1.13 15.73 -15.85
C TYR C 258 -0.65 17.06 -16.45
N ASP C 259 -0.36 18.04 -15.60
CA ASP C 259 -0.05 19.39 -16.07
C ASP C 259 1.19 19.42 -16.95
N GLU C 260 2.19 18.60 -16.65
CA GLU C 260 3.35 18.53 -17.54
C GLU C 260 3.15 17.49 -18.64
N ALA C 261 2.50 16.36 -18.32
CA ALA C 261 2.36 15.27 -19.29
C ALA C 261 1.58 15.73 -20.51
N LYS C 262 0.54 16.53 -20.31
CA LYS C 262 -0.25 17.00 -21.43
C LYS C 262 0.52 17.93 -22.38
N GLU C 263 1.69 18.43 -21.99
CA GLU C 263 2.48 19.17 -22.98
C GLU C 263 3.37 18.27 -23.81
N ARG C 264 3.45 16.98 -23.48
CA ARG C 264 4.24 16.02 -24.24
C ARG C 264 3.39 15.03 -25.01
N ALA C 265 2.23 14.65 -24.49
CA ALA C 265 1.37 13.65 -25.13
C ALA C 265 0.60 14.25 -26.29
N SER C 266 0.20 13.39 -27.24
CA SER C 266 -0.79 13.80 -28.24
C SER C 266 -2.23 13.61 -27.75
N PHE C 267 -2.48 12.62 -26.90
CA PHE C 267 -3.80 12.35 -26.31
C PHE C 267 -3.60 11.99 -24.84
N ILE C 268 -4.51 12.45 -23.99
CA ILE C 268 -4.39 12.20 -22.56
C ILE C 268 -5.77 12.12 -21.92
N THR C 269 -5.91 11.22 -20.91
CA THR C 269 -7.12 11.12 -20.11
C THR C 269 -6.99 12.01 -18.89
N PRO C 270 -8.00 12.83 -18.60
CA PRO C 270 -8.00 13.59 -17.36
C PRO C 270 -8.47 12.72 -16.20
N VAL C 271 -8.18 13.19 -14.99
CA VAL C 271 -8.63 12.54 -13.77
C VAL C 271 -9.20 13.66 -12.91
N PRO C 272 -10.47 13.60 -12.48
CA PRO C 272 -11.47 12.56 -12.80
C PRO C 272 -12.02 12.70 -14.22
N GLY C 273 -13.01 11.89 -14.62
CA GLY C 273 -13.64 12.03 -15.91
C GLY C 273 -12.97 11.32 -17.06
N GLY C 274 -12.05 10.41 -16.79
CA GLY C 274 -11.34 9.71 -17.84
C GLY C 274 -11.63 8.21 -17.84
N VAL C 275 -10.70 7.43 -17.31
CA VAL C 275 -10.88 5.98 -17.24
C VAL C 275 -12.07 5.63 -16.37
N GLY C 276 -12.28 6.36 -15.28
CA GLY C 276 -13.30 6.03 -14.30
C GLY C 276 -14.69 5.69 -14.85
N PRO C 277 -15.33 6.65 -15.53
CA PRO C 277 -16.65 6.34 -16.11
C PRO C 277 -16.63 5.24 -17.16
N MET C 278 -15.55 5.13 -17.92
CA MET C 278 -15.43 4.04 -18.89
C MET C 278 -15.45 2.67 -18.20
N THR C 279 -14.73 2.53 -17.08
CA THR C 279 -14.75 1.28 -16.32
C THR C 279 -16.18 0.84 -16.01
N VAL C 280 -17.00 1.78 -15.54
CA VAL C 280 -18.39 1.46 -15.22
C VAL C 280 -19.18 1.16 -16.48
N ALA C 281 -18.98 1.94 -17.54
CA ALA C 281 -19.72 1.68 -18.79
C ALA C 281 -19.39 0.30 -19.35
N MET C 282 -18.14 -0.15 -19.22
CA MET C 282 -17.75 -1.47 -19.71
C MET C 282 -18.38 -2.60 -18.91
N LEU C 283 -18.54 -2.42 -17.60
CA LEU C 283 -19.20 -3.44 -16.79
C LEU C 283 -20.64 -3.64 -17.25
N MET C 284 -21.35 -2.55 -17.53
CA MET C 284 -22.70 -2.65 -18.04
C MET C 284 -22.70 -3.33 -19.40
N GLN C 285 -21.73 -3.03 -20.25
CA GLN C 285 -21.63 -3.69 -21.55
C GLN C 285 -21.45 -5.19 -21.41
N SER C 286 -20.50 -5.62 -20.56
CA SER C 286 -20.31 -7.06 -20.34
C SER C 286 -21.54 -7.71 -19.71
N THR C 287 -22.20 -7.00 -18.78
CA THR C 287 -23.44 -7.51 -18.20
C THR C 287 -24.50 -7.73 -19.27
N VAL C 288 -24.69 -6.76 -20.15
CA VAL C 288 -25.67 -6.92 -21.22
C VAL C 288 -25.27 -8.09 -22.10
N GLU C 289 -23.98 -8.22 -22.41
CA GLU C 289 -23.52 -9.35 -23.20
C GLU C 289 -23.83 -10.67 -22.51
N SER C 290 -23.61 -10.76 -21.19
CA SER C 290 -23.87 -12.03 -20.53
C SER C 290 -25.36 -12.37 -20.54
N ALA C 291 -26.25 -11.37 -20.41
CA ALA C 291 -27.68 -11.61 -20.51
C ALA C 291 -28.06 -12.09 -21.92
N LYS C 292 -27.51 -11.46 -22.96
CA LYS C 292 -27.78 -11.90 -24.32
C LYS C 292 -27.28 -13.32 -24.56
N ARG C 293 -26.10 -13.65 -24.04
CA ARG C 293 -25.62 -15.02 -24.14
C ARG C 293 -26.52 -15.99 -23.39
N PHE C 294 -27.13 -15.55 -22.28
CA PHE C 294 -28.01 -16.44 -21.55
C PHE C 294 -29.22 -16.82 -22.40
N LEU C 295 -29.80 -15.87 -23.13
CA LEU C 295 -30.92 -16.19 -24.01
C LEU C 295 -30.50 -17.20 -25.09
N GLU C 296 -29.34 -17.00 -25.71
CA GLU C 296 -28.86 -17.91 -26.74
C GLU C 296 -28.40 -19.26 -26.17
N ALA D 4 31.89 -15.73 -24.83
CA ALA D 4 30.55 -16.05 -24.34
C ALA D 4 30.47 -17.43 -23.71
N GLU D 5 30.09 -17.50 -22.44
CA GLU D 5 29.99 -18.80 -21.80
C GLU D 5 28.81 -19.60 -22.39
N ILE D 6 28.85 -20.92 -22.18
CA ILE D 6 27.90 -21.84 -22.80
C ILE D 6 27.00 -22.41 -21.72
N LEU D 7 25.70 -22.25 -21.87
CA LEU D 7 24.73 -22.87 -20.98
C LEU D 7 24.45 -24.25 -21.54
N ASN D 8 24.98 -25.27 -20.87
CA ASN D 8 24.94 -26.62 -21.42
C ASN D 8 23.71 -27.32 -20.87
N GLY D 9 22.62 -27.25 -21.62
CA GLY D 9 21.39 -27.87 -21.19
C GLY D 9 21.54 -29.37 -21.01
N LYS D 10 22.37 -30.02 -21.83
CA LYS D 10 22.57 -31.46 -21.72
C LYS D 10 23.17 -31.82 -20.37
N GLU D 11 24.23 -31.10 -19.96
CA GLU D 11 24.84 -31.34 -18.65
C GLU D 11 23.91 -30.93 -17.52
N ILE D 12 23.35 -29.72 -17.61
CA ILE D 12 22.45 -29.24 -16.56
C ILE D 12 21.26 -30.18 -16.41
N SER D 13 20.64 -30.56 -17.53
CA SER D 13 19.48 -31.45 -17.43
C SER D 13 19.87 -32.79 -16.82
N ALA D 14 21.08 -33.29 -17.13
CA ALA D 14 21.52 -34.54 -16.53
C ALA D 14 21.53 -34.45 -15.00
N GLN D 15 21.90 -33.30 -14.44
CA GLN D 15 21.92 -33.16 -12.99
C GLN D 15 20.51 -33.17 -12.42
N ILE D 16 19.57 -32.49 -13.08
CA ILE D 16 18.18 -32.50 -12.64
C ILE D 16 17.62 -33.91 -12.67
N ARG D 17 17.90 -34.64 -13.75
CA ARG D 17 17.37 -36.00 -13.85
C ARG D 17 18.01 -36.91 -12.79
N ALA D 18 19.31 -36.73 -12.52
CA ALA D 18 19.94 -37.49 -11.45
C ALA D 18 19.36 -37.13 -10.09
N ARG D 19 19.16 -35.83 -9.83
CA ARG D 19 18.54 -35.41 -8.57
C ARG D 19 17.12 -35.98 -8.45
N LEU D 20 16.34 -35.91 -9.54
CA LEU D 20 14.99 -36.48 -9.52
C LEU D 20 15.02 -37.98 -9.31
N LYS D 21 15.97 -38.67 -9.93
CA LYS D 21 16.07 -40.12 -9.81
C LYS D 21 16.25 -40.55 -8.36
N ASN D 22 17.22 -39.96 -7.66
CA ASN D 22 17.38 -40.28 -6.25
C ASN D 22 16.15 -39.89 -5.46
N GLN D 23 15.55 -38.74 -5.79
CA GLN D 23 14.33 -38.29 -5.13
C GLN D 23 13.18 -39.28 -5.33
N VAL D 24 13.11 -39.91 -6.50
CA VAL D 24 12.11 -40.96 -6.74
C VAL D 24 12.47 -42.23 -5.99
N THR D 25 13.76 -42.52 -5.86
CA THR D 25 14.18 -43.71 -5.11
C THR D 25 13.82 -43.57 -3.63
N GLN D 26 14.15 -42.43 -3.04
CA GLN D 26 13.82 -42.21 -1.62
C GLN D 26 12.33 -42.23 -1.40
N LEU D 27 11.57 -41.65 -2.33
CA LEU D 27 10.12 -41.68 -2.24
C LEU D 27 9.58 -43.11 -2.27
N LYS D 28 10.14 -43.96 -3.13
CA LYS D 28 9.67 -45.35 -3.19
C LYS D 28 10.01 -46.11 -1.91
N GLU D 29 11.18 -45.85 -1.34
CA GLU D 29 11.56 -46.49 -0.08
C GLU D 29 10.69 -46.05 1.09
N GLN D 30 10.17 -44.81 1.05
CA GLN D 30 9.36 -44.30 2.15
C GLN D 30 7.91 -44.79 2.08
N VAL D 31 7.34 -44.84 0.87
CA VAL D 31 5.99 -45.36 0.65
C VAL D 31 6.13 -46.52 -0.32
N PRO D 32 6.39 -47.74 0.17
CA PRO D 32 6.62 -48.87 -0.74
C PRO D 32 5.44 -49.13 -1.67
N GLY D 33 5.75 -49.50 -2.91
CA GLY D 33 4.74 -49.75 -3.90
C GLY D 33 4.25 -48.53 -4.63
N PHE D 34 4.84 -47.36 -4.40
CA PHE D 34 4.36 -46.12 -4.98
C PHE D 34 5.39 -45.58 -5.96
N THR D 35 4.94 -45.29 -7.18
CA THR D 35 5.78 -44.66 -8.18
C THR D 35 5.04 -43.53 -8.86
N PRO D 36 5.74 -42.46 -9.23
CA PRO D 36 5.11 -41.39 -10.00
C PRO D 36 4.70 -41.90 -11.37
N ARG D 37 3.49 -41.54 -11.81
CA ARG D 37 2.96 -42.00 -13.08
C ARG D 37 2.53 -40.85 -13.95
N LEU D 38 3.04 -40.85 -15.18
CA LEU D 38 2.73 -39.92 -16.25
C LEU D 38 1.98 -40.65 -17.36
N ALA D 39 1.03 -39.96 -18.00
CA ALA D 39 0.41 -40.43 -19.23
C ALA D 39 0.58 -39.36 -20.32
N ILE D 40 0.92 -39.79 -21.53
CA ILE D 40 1.00 -38.89 -22.68
C ILE D 40 -0.01 -39.35 -23.70
N LEU D 41 -0.94 -38.45 -24.07
CA LEU D 41 -1.93 -38.73 -25.09
C LEU D 41 -1.53 -38.07 -26.40
N GLN D 42 -1.73 -38.80 -27.51
CA GLN D 42 -1.38 -38.30 -28.84
C GLN D 42 -2.55 -38.56 -29.79
N VAL D 43 -2.82 -37.60 -30.66
CA VAL D 43 -3.82 -37.75 -31.72
C VAL D 43 -3.07 -37.71 -33.06
N GLY D 44 -3.20 -38.78 -33.86
CA GLY D 44 -2.48 -38.85 -35.12
C GLY D 44 -1.09 -39.45 -34.98
N ASN D 45 -0.28 -39.20 -36.01
CA ASN D 45 1.00 -39.89 -36.14
C ASN D 45 2.06 -38.99 -36.72
N ARG D 46 2.09 -37.72 -36.31
CA ARG D 46 3.17 -36.82 -36.75
C ARG D 46 4.52 -37.37 -36.33
N ASP D 47 5.50 -37.26 -37.24
CA ASP D 47 6.84 -37.76 -36.96
C ASP D 47 7.54 -36.96 -35.87
N ASP D 48 7.39 -35.63 -35.88
CA ASP D 48 8.03 -34.83 -34.84
C ASP D 48 7.51 -35.21 -33.46
N SER D 49 6.19 -35.40 -33.35
CA SER D 49 5.63 -35.79 -32.06
C SER D 49 6.08 -37.17 -31.64
N ASN D 50 6.17 -38.11 -32.59
CA ASN D 50 6.70 -39.44 -32.24
C ASN D 50 8.08 -39.31 -31.60
N LEU D 51 8.95 -38.50 -32.20
CA LEU D 51 10.30 -38.29 -31.65
C LEU D 51 10.24 -37.66 -30.25
N TYR D 52 9.54 -36.54 -30.10
CA TYR D 52 9.54 -35.84 -28.83
C TYR D 52 8.90 -36.69 -27.73
N ILE D 53 7.80 -37.39 -28.05
CA ILE D 53 7.20 -38.27 -27.06
C ILE D 53 8.18 -39.37 -26.67
N ASN D 54 8.96 -39.88 -27.64
CA ASN D 54 9.91 -40.93 -27.30
C ASN D 54 10.98 -40.42 -26.36
N VAL D 55 11.54 -39.24 -26.65
CA VAL D 55 12.54 -38.63 -25.78
C VAL D 55 11.99 -38.44 -24.38
N LYS D 56 10.72 -38.07 -24.26
CA LYS D 56 10.14 -37.92 -22.94
C LYS D 56 9.99 -39.28 -22.25
N LEU D 57 9.52 -40.30 -22.97
CA LEU D 57 9.39 -41.62 -22.38
C LEU D 57 10.73 -42.12 -21.85
N LYS D 58 11.80 -41.86 -22.61
CA LYS D 58 13.13 -42.30 -22.19
C LYS D 58 13.58 -41.58 -20.92
N ALA D 59 13.34 -40.27 -20.84
CA ALA D 59 13.69 -39.56 -19.62
C ALA D 59 12.98 -40.16 -18.43
N ALA D 60 11.67 -40.41 -18.58
CA ALA D 60 10.90 -40.98 -17.47
C ALA D 60 11.47 -42.31 -17.02
N GLU D 61 11.98 -43.12 -17.95
CA GLU D 61 12.52 -44.43 -17.59
C GLU D 61 13.82 -44.29 -16.80
N GLU D 62 14.69 -43.39 -17.23
CA GLU D 62 15.94 -43.13 -16.51
C GLU D 62 15.66 -42.71 -15.06
N ILE D 63 14.71 -41.79 -14.87
CA ILE D 63 14.43 -41.29 -13.53
C ILE D 63 13.73 -42.34 -12.68
N GLY D 64 12.74 -43.04 -13.28
CA GLY D 64 11.96 -44.00 -12.52
C GLY D 64 10.48 -43.67 -12.50
N ILE D 65 10.09 -42.70 -13.31
CA ILE D 65 8.68 -42.39 -13.51
C ILE D 65 8.09 -43.40 -14.47
N LYS D 66 6.95 -44.00 -14.11
CA LYS D 66 6.25 -44.88 -15.03
C LYS D 66 5.40 -44.05 -15.97
N ALA D 67 5.71 -44.11 -17.27
CA ALA D 67 5.00 -43.32 -18.27
C ALA D 67 4.32 -44.24 -19.30
N THR D 68 3.02 -44.03 -19.51
CA THR D 68 2.22 -44.70 -20.53
C THR D 68 1.93 -43.74 -21.67
N HIS D 69 2.09 -44.20 -22.90
CA HIS D 69 1.78 -43.43 -24.11
C HIS D 69 0.58 -44.07 -24.82
N ILE D 70 -0.49 -43.29 -24.99
CA ILE D 70 -1.70 -43.73 -25.70
C ILE D 70 -1.79 -42.94 -27.00
N LYS D 71 -1.73 -43.65 -28.14
CA LYS D 71 -1.70 -43.01 -29.46
C LYS D 71 -3.00 -43.34 -30.19
N LEU D 72 -3.87 -42.28 -30.39
CA LEU D 72 -5.14 -42.36 -31.10
C LEU D 72 -4.96 -42.03 -32.58
N PRO D 73 -5.77 -42.58 -33.45
CA PRO D 73 -5.55 -42.42 -34.90
C PRO D 73 -5.98 -41.04 -35.39
N ARG D 74 -5.59 -40.75 -36.64
CA ARG D 74 -5.97 -39.48 -37.27
C ARG D 74 -7.48 -39.33 -37.42
N THR D 75 -8.22 -40.43 -37.49
CA THR D 75 -9.67 -40.34 -37.62
C THR D 75 -10.39 -40.27 -36.29
N THR D 76 -9.67 -40.02 -35.19
CA THR D 76 -10.33 -39.83 -33.90
C THR D 76 -11.23 -38.60 -33.94
N THR D 77 -12.35 -38.68 -33.22
CA THR D 77 -13.27 -37.57 -33.06
C THR D 77 -13.01 -36.83 -31.75
N GLU D 78 -13.52 -35.60 -31.68
CA GLU D 78 -13.43 -34.84 -30.43
C GLU D 78 -14.04 -35.63 -29.28
N SER D 79 -15.17 -36.30 -29.54
CA SER D 79 -15.81 -37.09 -28.49
C SER D 79 -14.92 -38.22 -28.00
N GLU D 80 -14.22 -38.90 -28.90
CA GLU D 80 -13.35 -39.98 -28.48
C GLU D 80 -12.16 -39.47 -27.67
N VAL D 81 -11.57 -38.33 -28.08
CA VAL D 81 -10.50 -37.75 -27.28
C VAL D 81 -11.01 -37.38 -25.89
N MET D 82 -12.20 -36.79 -25.81
CA MET D 82 -12.73 -36.39 -24.51
C MET D 82 -12.93 -37.59 -23.60
N LYS D 83 -13.28 -38.75 -24.16
CA LYS D 83 -13.42 -39.94 -23.32
C LYS D 83 -12.08 -40.32 -22.71
N TYR D 84 -10.99 -40.15 -23.44
CA TYR D 84 -9.70 -40.52 -22.89
C TYR D 84 -9.23 -39.52 -21.83
N ILE D 85 -9.53 -38.24 -22.00
CA ILE D 85 -9.13 -37.27 -20.99
C ILE D 85 -9.92 -37.50 -19.70
N THR D 86 -11.23 -37.75 -19.81
CA THR D 86 -12.03 -38.09 -18.64
C THR D 86 -11.47 -39.29 -17.90
N SER D 87 -11.00 -40.30 -18.63
CA SER D 87 -10.46 -41.49 -18.01
C SER D 87 -9.13 -41.21 -17.30
N LEU D 88 -8.24 -40.45 -17.95
CA LEU D 88 -6.99 -40.05 -17.31
C LEU D 88 -7.22 -39.14 -16.10
N ASN D 89 -8.19 -38.22 -16.18
CA ASN D 89 -8.57 -37.45 -14.99
C ASN D 89 -9.01 -38.36 -13.87
N GLU D 90 -9.86 -39.33 -14.18
CA GLU D 90 -10.45 -40.16 -13.12
C GLU D 90 -9.54 -41.31 -12.70
N ASP D 91 -8.42 -41.54 -13.37
CA ASP D 91 -7.52 -42.63 -13.00
C ASP D 91 -6.62 -42.15 -11.86
N SER D 92 -6.94 -42.59 -10.63
CA SER D 92 -6.15 -42.19 -9.47
C SER D 92 -4.74 -42.74 -9.52
N THR D 93 -4.46 -43.69 -10.42
CA THR D 93 -3.09 -44.15 -10.62
C THR D 93 -2.23 -43.08 -11.27
N VAL D 94 -2.84 -42.24 -12.10
CA VAL D 94 -2.12 -41.26 -12.93
C VAL D 94 -2.04 -39.94 -12.16
N HIS D 95 -0.82 -39.45 -11.94
CA HIS D 95 -0.60 -38.21 -11.22
C HIS D 95 -0.49 -37.00 -12.13
N GLY D 96 -0.08 -37.21 -13.39
CA GLY D 96 -0.01 -36.12 -14.35
C GLY D 96 -0.13 -36.65 -15.75
N PHE D 97 -0.71 -35.85 -16.63
CA PHE D 97 -0.72 -36.24 -18.03
C PHE D 97 -0.80 -35.01 -18.90
N LEU D 98 -0.45 -35.21 -20.16
CA LEU D 98 -0.40 -34.13 -21.11
C LEU D 98 -0.91 -34.65 -22.45
N VAL D 99 -1.30 -33.71 -23.30
CA VAL D 99 -1.68 -33.99 -24.68
C VAL D 99 -0.61 -33.36 -25.55
N GLN D 100 0.11 -34.20 -26.29
CA GLN D 100 1.10 -33.68 -27.20
C GLN D 100 0.40 -32.88 -28.31
N LEU D 101 0.97 -31.73 -28.62
CA LEU D 101 0.41 -30.76 -29.54
C LEU D 101 1.35 -30.58 -30.72
N PRO D 102 0.83 -30.25 -31.90
CA PRO D 102 -0.60 -30.08 -32.24
C PRO D 102 -1.33 -31.41 -32.45
N LEU D 103 -2.65 -31.45 -32.28
CA LEU D 103 -3.39 -32.63 -32.65
C LEU D 103 -3.34 -32.80 -34.17
N ASP D 104 -3.12 -34.04 -34.62
CA ASP D 104 -3.11 -34.35 -36.04
C ASP D 104 -4.38 -35.16 -36.32
N SER D 105 -5.45 -34.47 -36.67
CA SER D 105 -6.72 -35.14 -36.87
C SER D 105 -7.34 -34.75 -38.20
N GLU D 106 -7.87 -35.74 -38.89
CA GLU D 106 -8.67 -35.51 -40.08
C GLU D 106 -9.93 -34.74 -39.73
N ASN D 107 -10.51 -35.03 -38.58
CA ASN D 107 -11.70 -34.34 -38.09
C ASN D 107 -11.33 -32.99 -37.48
N SER D 108 -12.34 -32.13 -37.35
CA SER D 108 -12.15 -30.83 -36.73
C SER D 108 -12.30 -31.03 -35.23
N ILE D 109 -11.21 -30.87 -34.48
CA ILE D 109 -11.21 -31.07 -33.04
C ILE D 109 -10.77 -29.77 -32.38
N ASN D 110 -11.58 -29.29 -31.44
CA ASN D 110 -11.28 -28.04 -30.73
C ASN D 110 -10.17 -28.30 -29.72
N THR D 111 -8.93 -27.92 -30.06
CA THR D 111 -7.81 -28.16 -29.17
C THR D 111 -8.00 -27.45 -27.83
N GLU D 112 -8.55 -26.24 -27.87
CA GLU D 112 -8.80 -25.51 -26.64
C GLU D 112 -9.75 -26.30 -25.74
N GLU D 113 -10.82 -26.85 -26.31
CA GLU D 113 -11.74 -27.65 -25.52
C GLU D 113 -11.03 -28.86 -24.92
N VAL D 114 -10.26 -29.57 -25.75
CA VAL D 114 -9.57 -30.77 -25.30
C VAL D 114 -8.59 -30.42 -24.18
N ILE D 115 -7.77 -29.40 -24.39
CA ILE D 115 -6.76 -29.04 -23.38
C ILE D 115 -7.43 -28.67 -22.07
N ASN D 116 -8.49 -27.89 -22.13
CA ASN D 116 -9.13 -27.42 -20.90
C ASN D 116 -10.06 -28.46 -20.24
N ALA D 117 -10.11 -29.69 -20.74
CA ALA D 117 -10.75 -30.72 -19.94
C ALA D 117 -9.78 -31.46 -19.03
N ILE D 118 -8.49 -31.19 -19.13
CA ILE D 118 -7.53 -31.80 -18.21
C ILE D 118 -7.74 -31.22 -16.81
N ALA D 119 -7.73 -32.10 -15.80
CA ALA D 119 -7.80 -31.63 -14.42
C ALA D 119 -6.54 -30.81 -14.09
N PRO D 120 -6.68 -29.58 -13.60
CA PRO D 120 -5.48 -28.76 -13.37
C PRO D 120 -4.46 -29.40 -12.44
N GLU D 121 -4.88 -30.20 -11.46
CA GLU D 121 -3.92 -30.89 -10.60
C GLU D 121 -3.10 -31.95 -11.34
N LYS D 122 -3.47 -32.32 -12.55
CA LYS D 122 -2.68 -33.26 -13.35
C LYS D 122 -2.02 -32.59 -14.54
N ASP D 123 -2.28 -31.29 -14.76
CA ASP D 123 -1.85 -30.58 -15.97
C ASP D 123 -0.36 -30.22 -15.88
N VAL D 124 0.48 -31.26 -15.91
CA VAL D 124 1.92 -31.07 -15.76
C VAL D 124 2.56 -30.30 -16.90
N ASP D 125 1.87 -30.09 -18.01
CA ASP D 125 2.35 -29.18 -19.06
C ASP D 125 1.88 -27.73 -18.87
N GLY D 126 1.00 -27.48 -17.91
CA GLY D 126 0.53 -26.12 -17.65
C GLY D 126 -0.21 -25.47 -18.79
N LEU D 127 -0.96 -26.24 -19.58
CA LEU D 127 -1.61 -25.67 -20.75
C LEU D 127 -3.08 -25.36 -20.53
N THR D 128 -3.66 -25.73 -19.41
CA THR D 128 -5.02 -25.33 -19.12
C THR D 128 -5.12 -23.82 -18.87
N SER D 129 -6.25 -23.24 -19.28
CA SER D 129 -6.55 -21.84 -19.00
C SER D 129 -6.46 -21.51 -17.53
N ILE D 130 -6.83 -22.46 -16.66
CA ILE D 130 -6.72 -22.26 -15.22
C ILE D 130 -5.26 -22.08 -14.80
N ASN D 131 -4.38 -23.01 -15.21
CA ASN D 131 -2.99 -22.87 -14.78
C ASN D 131 -2.34 -21.64 -15.41
N ALA D 132 -2.70 -21.35 -16.67
CA ALA D 132 -2.18 -20.18 -17.35
C ALA D 132 -2.64 -18.88 -16.68
N GLY D 133 -3.88 -18.84 -16.20
CA GLY D 133 -4.39 -17.65 -15.54
C GLY D 133 -3.78 -17.42 -14.17
N ARG D 134 -3.47 -18.51 -13.46
CA ARG D 134 -2.69 -18.40 -12.24
C ARG D 134 -1.31 -17.82 -12.53
N LEU D 135 -0.62 -18.36 -13.53
CA LEU D 135 0.73 -17.86 -13.84
C LEU D 135 0.71 -16.41 -14.32
N ALA D 136 -0.23 -16.08 -15.20
CA ALA D 136 -0.23 -14.75 -15.80
C ALA D 136 -0.67 -13.67 -14.83
N ARG D 137 -1.19 -14.03 -13.66
CA ARG D 137 -1.55 -13.06 -12.64
C ARG D 137 -0.64 -13.17 -11.42
N GLY D 138 0.43 -13.95 -11.51
CA GLY D 138 1.45 -14.02 -10.49
C GLY D 138 1.18 -14.97 -9.35
N ASP D 139 0.14 -15.79 -9.45
CA ASP D 139 -0.13 -16.78 -8.41
C ASP D 139 0.66 -18.05 -8.71
N LEU D 140 1.99 -17.89 -8.70
CA LEU D 140 2.92 -18.91 -9.14
C LEU D 140 3.03 -20.06 -8.16
N ASN D 141 2.43 -19.94 -6.98
CA ASN D 141 2.64 -20.94 -5.94
C ASN D 141 1.78 -22.18 -6.12
N ASP D 142 0.71 -22.10 -6.90
CA ASP D 142 -0.20 -23.22 -6.99
C ASP D 142 -0.59 -23.50 -8.45
N CYS D 143 0.39 -23.49 -9.35
CA CYS D 143 0.07 -23.86 -10.71
C CYS D 143 1.24 -24.63 -11.29
N PHE D 144 1.00 -25.23 -12.45
CA PHE D 144 2.02 -25.88 -13.23
C PHE D 144 2.49 -24.89 -14.30
N ILE D 145 3.78 -24.61 -14.34
CA ILE D 145 4.30 -23.68 -15.34
C ILE D 145 4.73 -24.47 -16.56
N PRO D 146 4.45 -24.02 -17.79
CA PRO D 146 4.84 -24.79 -18.97
C PRO D 146 6.34 -25.06 -18.98
N CYS D 147 6.69 -26.25 -19.52
CA CYS D 147 7.99 -26.85 -19.24
C CYS D 147 9.12 -26.12 -19.94
N THR D 148 8.89 -25.64 -21.16
CA THR D 148 9.95 -24.88 -21.81
C THR D 148 10.29 -23.61 -21.04
N PRO D 149 9.33 -22.76 -20.63
CA PRO D 149 9.69 -21.60 -19.79
C PRO D 149 10.34 -21.99 -18.48
N LYS D 150 9.85 -23.03 -17.78
CA LYS D 150 10.52 -23.52 -16.58
C LYS D 150 12.00 -23.80 -16.84
N GLY D 151 12.31 -24.45 -17.96
CA GLY D 151 13.69 -24.80 -18.24
C GLY D 151 14.53 -23.60 -18.64
N CYS D 152 13.94 -22.69 -19.43
CA CYS D 152 14.61 -21.43 -19.74
C CYS D 152 14.98 -20.69 -18.46
N LEU D 153 14.04 -20.58 -17.53
CA LEU D 153 14.33 -19.88 -16.27
C LEU D 153 15.46 -20.57 -15.52
N GLU D 154 15.48 -21.91 -15.51
CA GLU D 154 16.56 -22.63 -14.84
C GLU D 154 17.88 -22.30 -15.51
N LEU D 155 17.88 -22.17 -16.83
CA LEU D 155 19.10 -21.82 -17.54
C LEU D 155 19.57 -20.42 -17.16
N ILE D 156 18.63 -19.46 -17.12
CA ILE D 156 19.01 -18.09 -16.78
C ILE D 156 19.59 -18.04 -15.38
N LYS D 157 18.98 -18.75 -14.42
CA LYS D 157 19.51 -18.78 -13.06
C LYS D 157 20.89 -19.43 -13.00
N GLU D 158 21.16 -20.39 -13.87
CA GLU D 158 22.47 -21.02 -13.85
C GLU D 158 23.58 -20.02 -14.11
N THR D 159 23.29 -18.89 -14.76
CA THR D 159 24.30 -17.84 -14.93
C THR D 159 24.75 -17.23 -13.59
N GLY D 160 23.91 -17.30 -12.57
CA GLY D 160 24.17 -16.61 -11.33
C GLY D 160 23.88 -15.13 -11.34
N VAL D 161 23.52 -14.56 -12.49
CA VAL D 161 23.12 -13.15 -12.61
C VAL D 161 21.69 -12.99 -12.13
N PRO D 162 21.42 -12.13 -11.14
CA PRO D 162 20.04 -11.99 -10.65
C PRO D 162 19.12 -11.39 -11.71
N ILE D 163 17.87 -11.86 -11.72
CA ILE D 163 16.89 -11.43 -12.72
C ILE D 163 16.27 -10.08 -12.34
N ALA D 164 16.03 -9.85 -11.06
CA ALA D 164 15.26 -8.66 -10.65
C ALA D 164 15.92 -7.40 -11.19
N GLY D 165 15.11 -6.54 -11.80
CA GLY D 165 15.56 -5.26 -12.28
C GLY D 165 16.17 -5.28 -13.66
N ARG D 166 16.55 -6.45 -14.18
CA ARG D 166 17.03 -6.56 -15.54
C ARG D 166 15.88 -6.39 -16.52
N HIS D 167 16.20 -5.86 -17.70
CA HIS D 167 15.22 -5.77 -18.77
C HIS D 167 15.31 -7.05 -19.59
N ALA D 168 14.20 -7.77 -19.69
CA ALA D 168 14.15 -9.00 -20.47
C ALA D 168 13.29 -8.75 -21.71
N VAL D 169 13.70 -9.35 -22.83
CA VAL D 169 12.96 -9.27 -24.09
C VAL D 169 12.57 -10.70 -24.49
N VAL D 170 11.29 -10.89 -24.79
CA VAL D 170 10.77 -12.18 -25.25
C VAL D 170 10.25 -11.99 -26.66
N VAL D 171 10.74 -12.80 -27.59
CA VAL D 171 10.31 -12.75 -29.00
C VAL D 171 9.50 -14.02 -29.26
N GLY D 172 8.21 -13.85 -29.51
CA GLY D 172 7.26 -14.94 -29.52
C GLY D 172 6.33 -14.85 -28.33
N ARG D 173 5.05 -15.17 -28.55
CA ARG D 173 3.99 -15.03 -27.57
C ARG D 173 3.06 -16.24 -27.60
N SER D 174 3.58 -17.39 -28.05
CA SER D 174 2.80 -18.61 -28.21
C SER D 174 2.35 -19.14 -26.85
N LYS D 175 1.28 -19.96 -26.88
CA LYS D 175 0.72 -20.49 -25.64
C LYS D 175 1.72 -21.34 -24.87
N ILE D 176 2.61 -22.01 -25.58
CA ILE D 176 3.44 -23.00 -24.90
C ILE D 176 4.82 -22.47 -24.55
N VAL D 177 5.30 -21.45 -25.25
CA VAL D 177 6.61 -20.90 -24.89
C VAL D 177 6.56 -19.41 -24.57
N GLY D 178 6.24 -18.57 -25.55
CA GLY D 178 6.48 -17.14 -25.41
C GLY D 178 5.62 -16.49 -24.33
N ALA D 179 4.31 -16.70 -24.39
CA ALA D 179 3.42 -16.03 -23.44
C ALA D 179 3.70 -16.45 -22.01
N PRO D 180 3.81 -17.75 -21.67
CA PRO D 180 4.22 -18.09 -20.29
C PRO D 180 5.64 -17.67 -19.97
N MET D 181 6.51 -17.52 -20.96
CA MET D 181 7.87 -17.08 -20.65
C MET D 181 7.88 -15.63 -20.18
N HIS D 182 7.06 -14.79 -20.80
CA HIS D 182 6.88 -13.41 -20.35
C HIS D 182 6.41 -13.37 -18.90
N ASP D 183 5.35 -14.13 -18.60
CA ASP D 183 4.82 -14.16 -17.25
C ASP D 183 5.89 -14.56 -16.26
N LEU D 184 6.70 -15.54 -16.62
CA LEU D 184 7.63 -16.11 -15.67
C LEU D 184 8.72 -15.11 -15.31
N LEU D 185 9.24 -14.41 -16.32
CA LEU D 185 10.25 -13.39 -16.07
C LEU D 185 9.66 -12.22 -15.30
N LEU D 186 8.41 -11.85 -15.61
CA LEU D 186 7.78 -10.70 -14.97
C LEU D 186 7.69 -10.90 -13.47
N TRP D 187 7.22 -12.07 -13.02
CA TRP D 187 7.04 -12.35 -11.60
C TRP D 187 8.31 -12.78 -10.91
N ASN D 188 9.41 -12.91 -11.65
CA ASN D 188 10.76 -12.83 -11.10
C ASN D 188 11.29 -11.39 -11.11
N ASN D 189 10.44 -10.42 -11.44
CA ASN D 189 10.70 -8.99 -11.27
C ASN D 189 11.65 -8.41 -12.32
N ALA D 190 11.80 -9.08 -13.46
CA ALA D 190 12.35 -8.38 -14.62
C ALA D 190 11.32 -7.39 -15.16
N THR D 191 11.80 -6.40 -15.90
CA THR D 191 10.96 -5.57 -16.73
C THR D 191 10.95 -6.21 -18.12
N VAL D 192 9.77 -6.49 -18.66
CA VAL D 192 9.65 -7.45 -19.76
C VAL D 192 8.99 -6.78 -20.96
N THR D 193 9.62 -6.94 -22.12
CA THR D 193 9.05 -6.55 -23.41
C THR D 193 8.75 -7.80 -24.22
N THR D 194 7.53 -7.91 -24.73
CA THR D 194 7.16 -9.02 -25.59
C THR D 194 7.10 -8.52 -27.02
N CYS D 195 7.81 -9.20 -27.91
CA CYS D 195 7.79 -8.91 -29.34
C CYS D 195 7.12 -10.07 -30.07
N HIS D 196 6.74 -9.81 -31.32
CA HIS D 196 6.07 -10.82 -32.12
C HIS D 196 6.17 -10.41 -33.59
N SER D 197 5.39 -11.07 -34.44
CA SER D 197 5.55 -10.88 -35.88
C SER D 197 5.10 -9.50 -36.31
N LYS D 198 4.37 -8.76 -35.47
CA LYS D 198 3.98 -7.41 -35.83
C LYS D 198 4.84 -6.35 -35.15
N THR D 199 5.92 -6.77 -34.50
CA THR D 199 6.86 -5.83 -33.89
C THR D 199 7.68 -5.12 -34.96
N ALA D 200 7.60 -3.80 -35.00
CA ALA D 200 8.47 -3.00 -35.85
C ALA D 200 9.83 -2.83 -35.19
N HIS D 201 10.87 -2.69 -36.01
CA HIS D 201 12.23 -2.45 -35.54
C HIS D 201 12.66 -3.50 -34.52
N LEU D 202 12.43 -4.77 -34.87
CA LEU D 202 12.73 -5.87 -33.94
C LEU D 202 14.19 -5.86 -33.50
N ASP D 203 15.08 -5.42 -34.39
CA ASP D 203 16.51 -5.32 -34.07
C ASP D 203 16.74 -4.40 -32.87
N GLU D 204 16.16 -3.21 -32.90
CA GLU D 204 16.32 -2.28 -31.79
C GLU D 204 15.69 -2.83 -30.53
N GLU D 205 14.52 -3.45 -30.65
CA GLU D 205 13.86 -4.04 -29.48
C GLU D 205 14.74 -5.10 -28.84
N VAL D 206 15.28 -6.00 -29.66
CA VAL D 206 16.16 -7.04 -29.12
C VAL D 206 17.38 -6.42 -28.45
N ASN D 207 17.83 -5.27 -28.95
CA ASN D 207 19.02 -4.65 -28.37
C ASN D 207 18.81 -4.18 -26.93
N LYS D 208 17.56 -4.13 -26.45
CA LYS D 208 17.25 -3.69 -25.10
C LYS D 208 17.42 -4.79 -24.06
N GLY D 209 17.55 -6.05 -24.48
CA GLY D 209 17.44 -7.14 -23.54
C GLY D 209 18.72 -7.54 -22.84
N ASP D 210 18.81 -7.30 -21.52
CA ASP D 210 19.84 -7.96 -20.73
C ASP D 210 19.61 -9.45 -20.71
N ILE D 211 18.34 -9.85 -20.71
CA ILE D 211 17.89 -11.22 -20.87
C ILE D 211 17.10 -11.26 -22.18
N LEU D 212 17.41 -12.24 -23.03
CA LEU D 212 16.72 -12.40 -24.30
C LEU D 212 16.31 -13.85 -24.49
N VAL D 213 15.01 -14.08 -24.69
CA VAL D 213 14.49 -15.42 -24.98
C VAL D 213 13.80 -15.37 -26.34
N VAL D 214 14.22 -16.24 -27.25
CA VAL D 214 13.71 -16.23 -28.63
C VAL D 214 12.99 -17.55 -28.87
N ALA D 215 11.72 -17.44 -29.24
CA ALA D 215 10.82 -18.57 -29.40
C ALA D 215 9.93 -18.34 -30.62
N THR D 216 10.56 -18.13 -31.78
CA THR D 216 9.85 -17.74 -33.00
C THR D 216 9.64 -18.88 -34.00
N GLY D 217 10.55 -19.86 -34.04
CA GLY D 217 10.49 -20.86 -35.10
C GLY D 217 10.97 -20.37 -36.44
N GLN D 218 11.70 -19.26 -36.49
CA GLN D 218 12.23 -18.74 -37.74
C GLN D 218 13.74 -18.93 -37.70
N PRO D 219 14.29 -19.88 -38.47
CA PRO D 219 15.69 -20.29 -38.28
C PRO D 219 16.67 -19.13 -38.34
N GLU D 220 17.43 -18.97 -37.25
CA GLU D 220 18.50 -17.97 -37.11
C GLU D 220 18.08 -16.57 -37.59
N MET D 221 16.85 -16.16 -37.31
CA MET D 221 16.40 -14.83 -37.72
C MET D 221 16.90 -13.73 -36.77
N VAL D 222 17.19 -14.04 -35.51
CA VAL D 222 17.73 -13.04 -34.61
C VAL D 222 19.24 -12.99 -34.78
N LYS D 223 19.75 -11.84 -35.25
CA LYS D 223 21.15 -11.68 -35.62
C LYS D 223 21.98 -11.28 -34.41
N GLY D 224 23.22 -11.78 -34.35
CA GLY D 224 24.11 -11.42 -33.26
C GLY D 224 24.39 -9.92 -33.18
N GLU D 225 24.31 -9.24 -34.32
CA GLU D 225 24.46 -7.79 -34.32
C GLU D 225 23.37 -7.10 -33.52
N TRP D 226 22.21 -7.74 -33.36
CA TRP D 226 21.12 -7.16 -32.58
C TRP D 226 21.34 -7.31 -31.08
N ILE D 227 22.02 -8.37 -30.66
CA ILE D 227 22.14 -8.67 -29.23
C ILE D 227 22.83 -7.52 -28.49
N LYS D 228 22.36 -7.24 -27.28
CA LYS D 228 23.04 -6.28 -26.40
C LYS D 228 24.30 -6.92 -25.85
N PRO D 229 25.44 -6.23 -25.88
CA PRO D 229 26.67 -6.82 -25.33
C PRO D 229 26.47 -7.24 -23.88
N GLY D 230 26.88 -8.47 -23.57
CA GLY D 230 26.69 -9.02 -22.25
C GLY D 230 25.36 -9.69 -21.99
N ALA D 231 24.46 -9.73 -22.97
CA ALA D 231 23.13 -10.30 -22.77
C ALA D 231 23.20 -11.79 -22.42
N ILE D 232 22.17 -12.25 -21.71
CA ILE D 232 21.93 -13.67 -21.54
C ILE D 232 20.97 -14.10 -22.64
N VAL D 233 21.43 -15.00 -23.52
CA VAL D 233 20.68 -15.36 -24.73
C VAL D 233 20.18 -16.80 -24.60
N ILE D 234 18.87 -16.95 -24.61
CA ILE D 234 18.18 -18.24 -24.48
C ILE D 234 17.45 -18.50 -25.79
N ASP D 235 17.85 -19.55 -26.51
CA ASP D 235 17.32 -19.88 -27.83
C ASP D 235 16.46 -21.13 -27.72
N CYS D 236 15.15 -20.98 -27.94
CA CYS D 236 14.20 -22.09 -27.89
C CYS D 236 14.00 -22.78 -29.23
N GLY D 237 14.56 -22.24 -30.31
CA GLY D 237 14.25 -22.73 -31.64
C GLY D 237 14.78 -24.14 -31.88
N ILE D 238 13.95 -24.94 -32.55
CA ILE D 238 14.32 -26.28 -33.02
C ILE D 238 13.92 -26.29 -34.51
N ASN D 239 14.85 -25.92 -35.38
CA ASN D 239 14.58 -25.76 -36.80
C ASN D 239 15.40 -26.77 -37.60
N TYR D 240 14.74 -27.51 -38.50
CA TYR D 240 15.41 -28.62 -39.21
C TYR D 240 15.95 -28.23 -40.59
N LYS D 251 20.17 -30.59 -40.83
CA LYS D 251 20.75 -29.94 -39.66
C LYS D 251 19.68 -29.29 -38.78
N VAL D 252 19.95 -29.23 -37.47
CA VAL D 252 19.11 -28.51 -36.50
C VAL D 252 19.82 -27.21 -36.14
N VAL D 253 19.10 -26.09 -36.26
CA VAL D 253 19.58 -24.81 -35.75
C VAL D 253 18.45 -24.12 -34.99
N GLY D 254 18.85 -23.18 -34.14
CA GLY D 254 17.91 -22.42 -33.33
C GLY D 254 17.43 -21.17 -34.03
N ASP D 255 16.74 -20.32 -33.27
CA ASP D 255 16.21 -19.06 -33.79
C ASP D 255 17.22 -17.93 -33.72
N VAL D 256 18.37 -18.15 -33.09
CA VAL D 256 19.41 -17.14 -32.95
C VAL D 256 20.60 -17.54 -33.83
N ALA D 257 21.16 -16.55 -34.53
CA ALA D 257 22.37 -16.77 -35.32
C ALA D 257 23.53 -17.02 -34.37
N TYR D 258 23.78 -18.30 -34.09
CA TYR D 258 24.56 -18.66 -32.91
C TYR D 258 26.00 -18.15 -32.97
N ASP D 259 26.62 -18.22 -34.14
CA ASP D 259 28.04 -17.88 -34.25
C ASP D 259 28.27 -16.40 -33.99
N GLU D 260 27.44 -15.53 -34.57
CA GLU D 260 27.57 -14.09 -34.31
C GLU D 260 27.17 -13.76 -32.89
N ALA D 261 26.03 -14.32 -32.42
CA ALA D 261 25.55 -14.02 -31.08
C ALA D 261 26.58 -14.40 -30.01
N LYS D 262 27.44 -15.38 -30.30
CA LYS D 262 28.45 -15.80 -29.34
C LYS D 262 29.53 -14.74 -29.12
N GLU D 263 29.65 -13.77 -30.01
CA GLU D 263 30.62 -12.69 -29.84
C GLU D 263 30.08 -11.52 -29.02
N ARG D 264 28.79 -11.51 -28.72
CA ARG D 264 28.12 -10.47 -27.95
C ARG D 264 27.67 -10.91 -26.57
N ALA D 265 27.07 -12.09 -26.47
CA ALA D 265 26.46 -12.51 -25.23
C ALA D 265 27.50 -12.84 -24.18
N SER D 266 27.07 -12.80 -22.93
CA SER D 266 27.87 -13.35 -21.85
C SER D 266 27.55 -14.81 -21.59
N PHE D 267 26.33 -15.24 -21.88
CA PHE D 267 25.89 -16.62 -21.71
C PHE D 267 24.96 -16.94 -22.86
N ILE D 268 24.98 -18.17 -23.35
CA ILE D 268 24.18 -18.50 -24.53
C ILE D 268 23.91 -19.99 -24.57
N THR D 269 22.72 -20.35 -25.06
CA THR D 269 22.31 -21.73 -25.21
C THR D 269 22.66 -22.23 -26.60
N PRO D 270 23.41 -23.33 -26.74
CA PRO D 270 23.58 -23.94 -28.06
C PRO D 270 22.31 -24.66 -28.47
N VAL D 271 22.18 -24.87 -29.78
CA VAL D 271 21.10 -25.65 -30.35
C VAL D 271 21.68 -26.70 -31.28
N PRO D 272 21.51 -28.00 -31.01
CA PRO D 272 20.79 -28.58 -29.85
C PRO D 272 21.63 -28.58 -28.58
N GLY D 273 21.20 -29.28 -27.53
CA GLY D 273 21.94 -29.29 -26.28
C GLY D 273 21.66 -28.14 -25.34
N GLY D 274 20.68 -27.28 -25.63
CA GLY D 274 20.35 -26.16 -24.77
C GLY D 274 19.01 -26.27 -24.08
N VAL D 275 18.00 -25.60 -24.63
CA VAL D 275 16.66 -25.60 -24.02
C VAL D 275 16.04 -26.98 -24.11
N GLY D 276 16.15 -27.63 -25.28
CA GLY D 276 15.56 -28.94 -25.54
C GLY D 276 15.64 -29.95 -24.42
N PRO D 277 16.85 -30.27 -23.96
CA PRO D 277 16.98 -31.17 -22.80
C PRO D 277 16.34 -30.62 -21.54
N MET D 278 16.40 -29.32 -21.33
CA MET D 278 15.80 -28.73 -20.13
C MET D 278 14.29 -28.89 -20.13
N THR D 279 13.67 -28.73 -21.29
CA THR D 279 12.22 -28.88 -21.37
C THR D 279 11.79 -30.24 -20.87
N VAL D 280 12.50 -31.29 -21.31
CA VAL D 280 12.13 -32.64 -20.90
C VAL D 280 12.35 -32.85 -19.41
N ALA D 281 13.46 -32.32 -18.88
CA ALA D 281 13.75 -32.49 -17.46
C ALA D 281 12.75 -31.76 -16.57
N MET D 282 12.23 -30.62 -17.02
CA MET D 282 11.25 -29.88 -16.23
C MET D 282 9.89 -30.58 -16.23
N LEU D 283 9.52 -31.22 -17.34
CA LEU D 283 8.32 -32.04 -17.34
C LEU D 283 8.43 -33.15 -16.31
N MET D 284 9.58 -33.83 -16.26
CA MET D 284 9.76 -34.85 -15.24
C MET D 284 9.71 -34.24 -13.84
N GLN D 285 10.32 -33.06 -13.68
CA GLN D 285 10.26 -32.40 -12.38
C GLN D 285 8.83 -32.15 -11.96
N SER D 286 8.02 -31.59 -12.86
CA SER D 286 6.62 -31.35 -12.52
C SER D 286 5.87 -32.65 -12.26
N THR D 287 6.22 -33.74 -12.96
CA THR D 287 5.57 -35.03 -12.73
C THR D 287 5.87 -35.55 -11.32
N VAL D 288 7.14 -35.49 -10.92
CA VAL D 288 7.51 -35.88 -9.56
C VAL D 288 6.79 -35.00 -8.56
N GLU D 289 6.64 -33.70 -8.87
CA GLU D 289 5.96 -32.78 -7.98
C GLU D 289 4.46 -33.12 -7.88
N SER D 290 3.79 -33.45 -8.98
CA SER D 290 2.38 -33.83 -8.88
C SER D 290 2.22 -35.12 -8.10
N ALA D 291 3.25 -35.99 -8.10
CA ALA D 291 3.18 -37.22 -7.33
C ALA D 291 3.32 -36.94 -5.84
N LYS D 292 4.13 -35.94 -5.47
CA LYS D 292 4.21 -35.56 -4.06
C LYS D 292 2.91 -34.94 -3.56
N ARG D 293 2.32 -34.03 -4.35
CA ARG D 293 1.05 -33.43 -3.94
C ARG D 293 -0.05 -34.46 -3.75
N PHE D 294 -0.04 -35.52 -4.56
CA PHE D 294 -1.04 -36.58 -4.43
C PHE D 294 -0.83 -37.36 -3.14
N LEU D 295 0.42 -37.59 -2.73
CA LEU D 295 0.72 -38.36 -1.53
C LEU D 295 0.25 -37.69 -0.24
N GLU D 296 -0.47 -36.58 -0.35
CA GLU D 296 -0.95 -35.86 0.82
C GLU D 296 -2.41 -35.45 0.65
C10 A1L23 E . 8.95 34.05 13.37
C13 A1L23 E . 7.87 34.78 12.93
C15 A1L23 E . 9.28 35.81 11.32
C17 A1L23 E . 10.18 34.17 12.77
C21 A1L23 E . 10.41 37.23 7.84
C22 A1L23 E . 11.36 36.55 6.87
C26 A1L23 E . 9.70 39.51 8.37
C02 A1L23 E . 5.24 31.80 19.50
C04 A1L23 E . 7.35 32.05 18.76
C05 A1L23 E . 6.90 31.96 17.47
C06 A1L23 E . 5.56 31.78 17.23
C08 A1L23 E . 7.80 33.14 15.47
C14 A1L23 E . 8.04 35.66 11.90
C16 A1L23 E . 10.35 35.06 11.72
C18 A1L23 E . 9.37 36.77 10.16
C23 A1L23 E . 10.93 38.61 8.15
C27 A1L23 E . 8.40 39.37 7.57
N01 A1L23 E . 4.78 31.71 18.27
N03 A1L23 E . 6.51 31.97 19.76
N07 A1L23 E . 7.82 32.03 16.37
N09 A1L23 E . 8.79 33.08 14.43
N11 A1L23 E . 8.76 32.22 19.01
N20 A1L23 E . 10.25 36.44 9.05
N31 A1L23 E . 4.30 31.72 20.59
O12 A1L23 E . 7.05 34.04 15.60
O19 A1L23 E . 8.66 37.70 10.18
O24 A1L23 E . 11.33 36.89 5.66
O25 A1L23 E . 12.18 35.68 7.25
O28 A1L23 E . 8.13 40.26 6.72
O29 A1L23 E . 7.58 38.45 7.78
O30 A1L23 E . 5.12 31.71 16.14
CL32 A1L23 E . 11.55 33.20 13.35
PA NAP F . 14.77 24.73 19.05
O1A NAP F . 13.82 24.46 20.17
O2A NAP F . 16.15 25.21 19.34
O5B NAP F . 14.94 23.31 18.29
C5B NAP F . 16.12 22.97 17.62
C4B NAP F . 15.85 21.57 17.08
O4B NAP F . 16.91 21.25 16.18
C3B NAP F . 15.86 20.50 18.19
O3B NAP F . 14.92 19.50 17.97
C2B NAP F . 17.32 20.04 18.12
O2B NAP F . 17.50 18.69 18.48
C1B NAP F . 17.60 20.14 16.62
N9A NAP F . 19.01 20.15 16.33
C8A NAP F . 19.98 20.96 16.86
N7A NAP F . 21.18 20.68 16.42
C5A NAP F . 21.01 19.63 15.56
C6A NAP F . 21.90 18.89 14.79
N6A NAP F . 23.21 19.12 14.74
N1A NAP F . 21.40 17.90 14.05
C2A NAP F . 20.09 17.68 14.07
N3A NAP F . 19.16 18.30 14.76
C4A NAP F . 19.66 19.28 15.50
O3 NAP F . 14.14 25.82 17.95
PN NAP F . 12.86 25.90 16.88
O1N NAP F . 12.60 24.59 16.21
O2N NAP F . 11.76 26.71 17.49
O5D NAP F . 13.51 26.77 15.64
C5D NAP F . 14.59 26.36 14.80
C4D NAP F . 14.83 27.39 13.69
O4D NAP F . 13.53 27.66 13.10
C3D NAP F . 15.38 28.75 14.19
O3D NAP F . 16.14 29.38 13.18
C2D NAP F . 14.07 29.53 14.44
O2D NAP F . 14.08 30.93 14.39
C1D NAP F . 13.31 29.03 13.24
N1N NAP F . 11.88 29.45 13.26
C2N NAP F . 11.43 30.08 12.19
C3N NAP F . 10.14 30.49 12.06
C7N NAP F . 9.71 31.21 10.82
O7N NAP F . 10.40 31.05 9.81
N7N NAP F . 8.65 32.03 10.87
C4N NAP F . 9.28 30.25 13.13
C5N NAP F . 9.74 29.58 14.25
C6N NAP F . 11.08 29.17 14.31
P2B NAP F . 17.13 18.16 20.07
O1X NAP F . 17.80 16.81 20.16
O2X NAP F . 17.72 19.28 20.89
O3X NAP F . 15.62 18.09 20.15
C10 A1L23 G . -4.69 -6.52 23.17
C13 A1L23 G . -4.58 -6.71 24.53
C15 A1L23 G . -3.80 -8.91 24.12
C17 A1L23 G . -4.31 -7.51 22.28
C21 A1L23 G . -1.74 -12.23 24.39
C22 A1L23 G . -0.69 -12.72 23.39
C26 A1L23 G . -3.29 -13.29 25.99
C02 A1L23 G . -8.37 -0.06 24.19
C04 A1L23 G . -8.13 -1.66 22.61
C05 A1L23 G . -6.92 -2.00 23.17
C06 A1L23 G . -6.46 -1.30 24.26
C08 A1L23 G . -5.90 -4.26 23.33
C14 A1L23 G . -4.15 -7.90 25.00
C16 A1L23 G . -3.86 -8.71 22.76
C18 A1L23 G . -3.27 -10.20 24.70
C23 A1L23 G . -2.81 -13.29 24.56
C27 A1L23 G . -2.23 -13.03 27.07
N01 A1L23 G . -7.22 -0.36 24.73
N03 A1L23 G . -8.84 -0.69 23.14
N07 A1L23 G . -6.13 -3.04 22.59
N09 A1L23 G . -5.10 -5.24 22.64
N11 A1L23 G . -8.62 -2.38 21.46
N20 A1L23 G . -2.35 -11.00 23.92
N31 A1L23 G . -9.14 1.00 24.77
O12 A1L23 G . -6.37 -4.43 24.40
O19 A1L23 G . -3.58 -10.47 25.80
O24 A1L23 G . -0.65 -12.25 22.24
O25 A1L23 G . 0.13 -13.60 23.73
O28 A1L23 G . -1.47 -13.97 27.41
O29 A1L23 G . -2.13 -11.90 27.62
O30 A1L23 G . -5.42 -1.56 24.76
CL32 A1L23 G . -4.44 -7.20 20.54
PA NAP H . -5.64 -0.06 12.50
O1A NAP H . -6.13 1.04 13.39
O2A NAP H . -6.47 -0.55 11.32
O5B NAP H . -4.13 0.35 12.01
C5B NAP H . -3.49 -0.27 10.92
C4B NAP H . -2.28 0.59 10.61
O4B NAP H . -1.43 -0.13 9.74
C3B NAP H . -2.69 1.88 9.87
O3B NAP H . -1.88 2.99 10.19
C2B NAP H . -2.60 1.40 8.42
O2B NAP H . -2.23 2.45 7.56
C1B NAP H . -1.40 0.47 8.49
N9A NAP H . -1.41 -0.43 7.36
C8A NAP H . -2.43 -1.22 6.89
N7A NAP H . -2.12 -1.88 5.83
C5A NAP H . -0.83 -1.53 5.56
C6A NAP H . 0.08 -1.89 4.56
N6A NAP H . -0.21 -2.75 3.59
N1A NAP H . 1.29 -1.34 4.59
C2A NAP H . 1.61 -0.48 5.55
N3A NAP H . 0.86 -0.08 6.54
C4A NAP H . -0.36 -0.62 6.50
O3 NAP H . -5.37 -1.31 13.52
PN NAP H . -5.33 -2.93 13.20
O1N NAP H . -5.95 -3.70 14.35
O2N NAP H . -5.87 -3.02 11.79
O5D NAP H . -3.70 -3.24 13.24
C5D NAP H . -2.89 -3.21 14.41
C4D NAP H . -2.44 -4.60 14.89
O4D NAP H . -1.93 -4.38 16.23
C3D NAP H . -3.59 -5.62 15.00
O3D NAP H . -3.12 -6.93 14.78
C2D NAP H . -4.05 -5.39 16.46
O2D NAP H . -4.64 -6.46 17.14
C1D NAP H . -2.68 -5.20 17.07
N1N NAP H . -2.70 -4.80 18.51
C2N NAP H . -1.97 -5.55 19.33
C3N NAP H . -1.87 -5.31 20.67
C7N NAP H . -1.06 -6.23 21.53
O7N NAP H . -0.24 -6.98 21.00
N7N NAP H . -1.30 -6.27 22.84
C4N NAP H . -2.56 -4.21 21.18
C5N NAP H . -3.32 -3.41 20.32
C6N NAP H . -3.39 -3.71 18.95
P2B NAP H . -3.29 3.78 7.29
O1X NAP H . -2.68 4.41 6.05
O2X NAP H . -4.66 3.17 7.12
O3X NAP H . -3.12 4.63 8.52
C10 A1L23 I . -13.52 2.36 -9.89
C13 A1L23 I . -14.75 2.35 -10.51
C15 A1L23 I . -14.77 4.74 -10.42
C17 A1L23 I . -12.91 3.55 -9.55
C21 A1L23 I . -15.35 8.18 -12.34
C22 A1L23 I . -14.19 9.16 -12.49
C26 A1L23 I . -17.80 8.23 -11.71
C02 A1L23 I . -13.94 -5.11 -8.47
C04 A1L23 I . -12.94 -3.23 -7.69
C05 A1L23 I . -13.09 -2.64 -8.94
C06 A1L23 I . -13.68 -3.37 -9.95
C08 A1L23 I . -13.47 -0.17 -9.38
C14 A1L23 I . -15.38 3.56 -10.77
C16 A1L23 I . -13.54 4.74 -9.81
C18 A1L23 I . -15.50 6.04 -10.74
C23 A1L23 I . -16.42 8.91 -11.55
C27 A1L23 I . -18.00 7.21 -12.82
N01 A1L23 I . -14.07 -4.58 -9.67
N03 A1L23 I . -13.37 -4.44 -7.49
N07 A1L23 I . -12.60 -1.31 -9.20
N09 A1L23 I . -12.84 1.10 -9.65
N11 A1L23 I . -12.32 -2.48 -6.63
N20 A1L23 I . -14.91 6.90 -11.75
N31 A1L23 I . -14.41 -6.45 -8.24
O12 A1L23 I . -14.64 -0.29 -9.30
O19 A1L23 I . -16.50 6.26 -10.15
O24 A1L23 I . -14.40 10.24 -13.10
O25 A1L23 I . -13.05 8.91 -12.05
O28 A1L23 I . -17.61 6.02 -12.68
O29 A1L23 I . -18.56 7.55 -13.86
O30 A1L23 I . -13.81 -2.92 -11.03
CL32 A1L23 I . -11.32 3.54 -8.76
PA NAP J . -2.37 -2.30 -6.85
O1A NAP J . -2.88 -3.69 -6.75
O2A NAP J . -2.04 -1.49 -5.65
O5B NAP J . -1.10 -2.37 -7.88
C5B NAP J . -0.34 -1.22 -8.25
C4B NAP J . 0.73 -1.66 -9.25
O4B NAP J . 1.60 -0.56 -9.52
C3B NAP J . 1.61 -2.81 -8.81
O3B NAP J . 1.80 -3.71 -9.86
C2B NAP J . 2.88 -2.04 -8.34
O2B NAP J . 4.10 -2.72 -8.52
C1B NAP J . 2.92 -0.88 -9.33
N9A NAP J . 3.76 0.18 -8.77
C8A NAP J . 3.75 0.75 -7.53
N7A NAP J . 4.68 1.64 -7.36
C5A NAP J . 5.36 1.67 -8.53
C6A NAP J . 6.46 2.41 -8.97
N6A NAP J . 7.08 3.30 -8.20
N1A NAP J . 6.90 2.19 -10.21
C2A NAP J . 6.29 1.31 -10.99
N3A NAP J . 5.25 0.54 -10.68
C4A NAP J . 4.81 0.76 -9.44
O3 NAP J . -3.39 -1.30 -7.70
PN NAP J . -4.48 -1.46 -8.95
O1N NAP J . -3.89 -1.50 -10.33
O2N NAP J . -5.52 -2.42 -8.45
O5D NAP J . -4.97 0.09 -8.96
C5D NAP J . -4.07 1.12 -9.31
C4D NAP J . -4.85 2.40 -9.59
O4D NAP J . -5.91 1.90 -10.45
C3D NAP J . -5.50 3.00 -8.33
O3D NAP J . -5.53 4.42 -8.37
C2D NAP J . -6.93 2.39 -8.42
O2D NAP J . -8.01 3.12 -7.84
C1D NAP J . -7.09 2.43 -9.93
N1N NAP J . -8.33 1.84 -10.51
C2N NAP J . -8.98 2.68 -11.32
C3N NAP J . -10.13 2.35 -12.00
C7N NAP J . -10.76 3.41 -12.86
O7N NAP J . -10.07 4.46 -13.09
N7N NAP J . -12.03 3.26 -13.28
C4N NAP J . -10.62 1.05 -11.79
C5N NAP J . -9.92 0.15 -10.96
C6N NAP J . -8.75 0.58 -10.30
P2B NAP J . 4.31 -4.26 -7.82
O1X NAP J . 3.78 -4.23 -6.42
O2X NAP J . 3.43 -5.07 -8.77
O3X NAP J . 5.80 -4.55 -7.91
C10 A1L23 K . 10.17 -30.45 -27.73
C13 A1L23 K . 10.46 -31.33 -26.71
C15 A1L23 K . 12.62 -31.65 -27.65
C17 A1L23 K . 11.11 -30.14 -28.70
C21 A1L23 K . 16.50 -31.86 -27.19
C22 A1L23 K . 17.43 -30.90 -27.94
C26 A1L23 K . 16.66 -34.42 -26.75
C02 A1L23 K . 2.96 -30.42 -25.56
C04 A1L23 K . 4.18 -30.00 -27.41
C05 A1L23 K . 5.29 -29.80 -26.61
C06 A1L23 K . 5.18 -29.92 -25.26
C08 A1L23 K . 7.71 -30.27 -27.09
C14 A1L23 K . 11.69 -31.95 -26.67
C16 A1L23 K . 12.34 -30.76 -28.67
C18 A1L23 K . 13.95 -32.33 -27.58
C23 A1L23 K . 16.70 -33.23 -27.75
C27 A1L23 K . 16.18 -34.03 -25.37
N01 A1L23 K . 4.01 -30.23 -24.78
N03 A1L23 K . 3.04 -30.32 -26.85
N07 A1L23 K . 6.54 -29.44 -27.22
N09 A1L23 K . 8.90 -29.79 -27.76
N11 A1L23 K . 4.30 -29.87 -28.84
N20 A1L23 K . 15.10 -31.47 -27.33
N31 A1L23 K . 1.71 -30.76 -24.93
O12 A1L23 K . 7.67 -31.27 -26.49
O19 A1L23 K . 13.97 -33.50 -27.71
O24 A1L23 K . 17.00 -30.26 -28.93
O25 A1L23 K . 18.62 -30.76 -27.59
O28 A1L23 K . 15.01 -33.59 -25.20
O29 A1L23 K . 16.94 -34.14 -24.39
O30 A1L23 K . 6.10 -29.75 -24.54
CL32 A1L23 K . 10.72 -28.98 -30.01
PA NAP L . 4.55 -20.79 -32.86
O1A NAP L . 3.30 -21.18 -32.14
O2A NAP L . 4.68 -20.88 -34.35
O5B NAP L . 4.90 -19.28 -32.36
C5B NAP L . 5.89 -18.49 -32.99
C4B NAP L . 5.91 -17.13 -32.30
O4B NAP L . 6.97 -16.35 -32.86
C3B NAP L . 4.61 -16.32 -32.53
O3B NAP L . 4.20 -15.53 -31.45
C2B NAP L . 5.03 -15.49 -33.76
O2B NAP L . 4.41 -14.24 -33.72
C1B NAP L . 6.48 -15.21 -33.48
N9A NAP L . 7.18 -14.83 -34.71
C8A NAP L . 7.19 -15.45 -35.92
N7A NAP L . 7.88 -14.82 -36.82
C5A NAP L . 8.35 -13.71 -36.19
C6A NAP L . 9.16 -12.63 -36.62
N6A NAP L . 9.64 -12.55 -37.87
N1A NAP L . 9.44 -11.67 -35.76
C2A NAP L . 8.98 -11.76 -34.51
N3A NAP L . 8.21 -12.72 -34.00
C4A NAP L . 7.92 -13.67 -34.88
O3 NAP L . 5.81 -21.67 -32.26
PN NAP L . 6.19 -22.06 -30.70
O1N NAP L . 6.39 -20.84 -29.87
O2N NAP L . 5.26 -23.15 -30.27
O5D NAP L . 7.75 -22.59 -30.84
C5D NAP L . 8.80 -21.71 -31.15
C4D NAP L . 10.11 -22.46 -31.34
O4D NAP L . 10.34 -23.12 -30.06
C3D NAP L . 10.06 -23.59 -32.39
O3D NAP L . 11.31 -23.77 -33.01
C2D NAP L . 9.69 -24.82 -31.54
O2D NAP L . 10.06 -26.09 -32.00
C1D NAP L . 10.49 -24.47 -30.30
N1N NAP L . 10.08 -25.30 -29.14
C2N NAP L . 11.06 -25.94 -28.48
C3N NAP L . 10.78 -26.73 -27.41
C7N NAP L . 11.91 -27.41 -26.69
O7N NAP L . 13.04 -26.92 -26.66
N7N NAP L . 11.56 -28.53 -26.08
C4N NAP L . 9.44 -26.88 -27.02
C5N NAP L . 8.43 -26.21 -27.71
C6N NAP L . 8.78 -25.42 -28.79
P2B NAP L . 2.73 -14.10 -33.98
O1X NAP L . 2.61 -12.64 -34.32
O2X NAP L . 2.47 -15.06 -35.12
O3X NAP L . 2.12 -14.55 -32.65
#